data_8V3J
#
_entry.id   8V3J
#
_cell.length_a   140.040
_cell.length_b   149.260
_cell.length_c   99.350
_cell.angle_alpha   90.00
_cell.angle_beta   130.03
_cell.angle_gamma   90.00
#
_symmetry.space_group_name_H-M   'C 1 2 1'
#
loop_
_entity.id
_entity.type
_entity.pdbx_description
1 polymer 'Type 1 fimbrin D-mannose specific adhesin,Protein FimG'
2 non-polymer 2-acetamido-2-deoxy-beta-D-glucopyranose
3 water water
#
_entity_poly.entity_id   1
_entity_poly.type   'polypeptide(L)'
_entity_poly.pdbx_seq_one_letter_code
;FACKTASGTAIPIGAASANVYVNLAPAVNVGQNLVVDLSTQIFCHNDYPETITDYVTLQRGSAYGGVLSSFSGTVKYSGS
SYPFPTTSETPRVVYNSRTDKPWPVALYLTPVSSAGGVAIKAGSLIAVLILRQTNNYNSDDFQFVWNIYANNDVVVPTGG
CDVSARDVTVTLPDYPGSVPIPLTVYCAKSQNLGYYLSGTTADAGNSIFTNTASFSPAQGVGVQLTRQGTIIPANNTVSL
GAVGTSAVSLGLTANYARTGGQVTAGNVQSIIGVTFVYQGGSSGGGADVTITVNGKVVAKGGHHHHHHHH
;
_entity_poly.pdbx_strand_id   A,B,C,D
#
# COMPACT_ATOMS: atom_id res chain seq x y z
N PHE A 1 -23.43 26.27 -2.92
CA PHE A 1 -23.12 24.96 -2.37
C PHE A 1 -23.77 23.93 -3.27
N ALA A 2 -22.99 23.27 -4.13
CA ALA A 2 -23.52 22.28 -5.08
C ALA A 2 -22.74 20.99 -4.89
N CYS A 3 -23.47 19.89 -4.68
CA CYS A 3 -22.86 18.60 -4.40
C CYS A 3 -23.23 17.50 -5.36
N LYS A 4 -22.41 16.44 -5.39
CA LYS A 4 -22.62 15.27 -6.20
C LYS A 4 -22.04 14.04 -5.49
N THR A 5 -22.55 12.86 -5.83
CA THR A 5 -22.06 11.62 -5.23
C THR A 5 -20.88 11.05 -6.03
N ALA A 6 -20.18 10.04 -5.49
CA ALA A 6 -19.05 9.42 -6.17
C ALA A 6 -19.51 8.80 -7.52
N SER A 7 -20.78 8.32 -7.59
CA SER A 7 -21.33 7.77 -8.83
C SER A 7 -21.81 8.83 -9.84
N GLY A 8 -21.49 10.10 -9.61
CA GLY A 8 -21.81 11.20 -10.50
C GLY A 8 -23.17 11.84 -10.32
N THR A 9 -24.05 11.25 -9.49
CA THR A 9 -25.40 11.78 -9.27
C THR A 9 -25.40 13.13 -8.54
N ALA A 10 -26.00 14.18 -9.14
CA ALA A 10 -26.08 15.48 -8.50
C ALA A 10 -27.09 15.46 -7.35
N ILE A 11 -26.79 16.19 -6.28
CA ILE A 11 -27.70 16.28 -5.15
C ILE A 11 -28.47 17.55 -5.37
N PRO A 12 -29.83 17.48 -5.41
CA PRO A 12 -30.63 18.69 -5.68
C PRO A 12 -30.25 19.91 -4.83
N ILE A 13 -29.78 20.94 -5.52
CA ILE A 13 -29.34 22.20 -4.93
C ILE A 13 -30.54 22.97 -4.40
N GLY A 14 -30.50 23.35 -3.13
CA GLY A 14 -31.57 24.15 -2.53
C GLY A 14 -32.86 23.41 -2.20
N ALA A 15 -32.87 22.08 -2.33
CA ALA A 15 -34.07 21.30 -1.99
C ALA A 15 -34.14 21.16 -0.44
N ALA A 16 -35.36 21.14 0.13
CA ALA A 16 -35.52 20.97 1.57
C ALA A 16 -35.21 19.51 2.02
N SER A 17 -35.39 18.54 1.12
CA SER A 17 -35.11 17.15 1.40
C SER A 17 -34.52 16.50 0.15
N ALA A 18 -33.54 15.61 0.33
CA ALA A 18 -32.92 14.87 -0.77
C ALA A 18 -32.55 13.45 -0.35
N ASN A 19 -32.70 12.48 -1.26
CA ASN A 19 -32.31 11.08 -1.01
C ASN A 19 -30.97 10.86 -1.69
N VAL A 20 -29.93 10.59 -0.90
CA VAL A 20 -28.56 10.45 -1.37
C VAL A 20 -28.12 9.01 -1.24
N TYR A 21 -27.85 8.36 -2.38
CA TYR A 21 -27.46 6.95 -2.47
C TYR A 21 -25.97 6.85 -2.49
N VAL A 22 -25.44 6.09 -1.56
CA VAL A 22 -24.03 6.03 -1.27
C VAL A 22 -23.56 4.57 -0.99
N ASN A 23 -22.29 4.28 -1.28
CA ASN A 23 -21.70 2.98 -1.01
C ASN A 23 -21.10 3.01 0.40
N LEU A 24 -21.28 1.97 1.21
CA LEU A 24 -20.63 1.92 2.54
C LEU A 24 -19.67 0.73 2.68
N ALA A 25 -18.62 0.93 3.46
CA ALA A 25 -17.63 -0.11 3.70
C ALA A 25 -17.38 -0.11 5.21
N PRO A 26 -18.30 -0.73 5.96
CA PRO A 26 -18.16 -0.75 7.41
C PRO A 26 -16.98 -1.58 7.89
N ALA A 27 -16.38 -1.18 9.02
CA ALA A 27 -15.22 -1.89 9.54
C ALA A 27 -15.06 -1.68 11.01
N VAL A 28 -14.52 -2.68 11.72
CA VAL A 28 -14.18 -2.50 13.13
C VAL A 28 -12.90 -1.64 13.19
N ASN A 29 -12.87 -0.71 14.14
CA ASN A 29 -11.68 0.09 14.43
C ASN A 29 -11.51 0.07 15.97
N VAL A 30 -10.37 0.53 16.48
CA VAL A 30 -10.14 0.58 17.92
C VAL A 30 -11.13 1.59 18.55
N GLY A 31 -11.91 1.13 19.54
CA GLY A 31 -12.85 1.96 20.27
C GLY A 31 -14.17 2.31 19.61
N GLN A 32 -14.24 2.19 18.27
CA GLN A 32 -15.50 2.48 17.54
C GLN A 32 -15.42 1.91 16.15
N ASN A 33 -16.58 1.65 15.57
CA ASN A 33 -16.61 1.06 14.24
C ASN A 33 -17.09 2.04 13.18
N LEU A 34 -16.46 2.03 12.02
CA LEU A 34 -16.89 2.84 10.88
C LEU A 34 -18.17 2.25 10.28
N VAL A 35 -19.19 3.09 10.05
CA VAL A 35 -20.43 2.68 9.38
C VAL A 35 -20.31 3.11 7.92
N VAL A 36 -20.04 4.39 7.69
CA VAL A 36 -19.87 4.93 6.36
C VAL A 36 -18.98 6.17 6.41
N ASP A 37 -17.96 6.20 5.54
CA ASP A 37 -17.13 7.37 5.39
C ASP A 37 -17.72 8.13 4.20
N LEU A 38 -18.48 9.21 4.48
CA LEU A 38 -19.10 10.01 3.42
C LEU A 38 -18.13 10.90 2.66
N SER A 39 -16.88 11.07 3.15
CA SER A 39 -15.90 11.89 2.45
C SER A 39 -15.45 11.26 1.11
N THR A 40 -15.59 9.96 0.96
CA THR A 40 -15.30 9.30 -0.31
C THR A 40 -16.58 9.18 -1.21
N GLN A 41 -17.74 9.64 -0.71
CA GLN A 41 -19.04 9.50 -1.38
C GLN A 41 -19.68 10.82 -1.81
N ILE A 42 -19.41 11.92 -1.11
CA ILE A 42 -20.06 13.18 -1.41
C ILE A 42 -19.02 14.28 -1.64
N PHE A 43 -19.13 15.03 -2.76
CA PHE A 43 -18.16 16.07 -3.13
C PHE A 43 -18.90 17.35 -3.43
N CYS A 44 -18.49 18.46 -2.84
CA CYS A 44 -19.16 19.75 -2.93
C CYS A 44 -18.25 20.89 -3.36
N HIS A 45 -18.84 21.95 -3.97
CA HIS A 45 -18.12 23.17 -4.36
C HIS A 45 -19.06 24.40 -4.31
N ASN A 46 -18.49 25.61 -4.50
CA ASN A 46 -19.25 26.86 -4.55
C ASN A 46 -19.20 27.30 -6.00
N ASP A 47 -20.35 27.41 -6.67
CA ASP A 47 -20.38 27.83 -8.08
C ASP A 47 -20.11 29.32 -8.29
N TYR A 48 -20.31 30.16 -7.25
CA TYR A 48 -20.08 31.61 -7.37
C TYR A 48 -19.24 32.15 -6.21
N PRO A 49 -17.96 31.73 -6.08
CA PRO A 49 -17.16 32.20 -4.93
C PRO A 49 -16.83 33.68 -4.86
N GLU A 50 -16.84 34.38 -6.00
CA GLU A 50 -16.54 35.81 -6.03
C GLU A 50 -17.68 36.64 -5.42
N THR A 51 -18.93 36.18 -5.55
CA THR A 51 -20.06 36.92 -5.02
C THR A 51 -20.57 36.40 -3.68
N ILE A 52 -20.25 35.13 -3.31
CA ILE A 52 -20.72 34.57 -2.05
C ILE A 52 -19.77 33.51 -1.50
N THR A 53 -19.68 33.42 -0.16
CA THR A 53 -18.92 32.38 0.51
C THR A 53 -19.96 31.53 1.26
N ASP A 54 -19.98 30.21 1.01
CA ASP A 54 -20.94 29.32 1.66
C ASP A 54 -20.40 28.68 2.92
N TYR A 55 -21.25 28.53 3.94
CA TYR A 55 -20.89 27.86 5.17
C TYR A 55 -21.94 26.78 5.44
N VAL A 56 -21.50 25.54 5.71
CA VAL A 56 -22.44 24.44 5.98
C VAL A 56 -22.10 23.75 7.29
N THR A 57 -23.11 23.57 8.18
CA THR A 57 -22.94 22.84 9.44
C THR A 57 -23.91 21.65 9.47
N LEU A 58 -23.61 20.66 10.33
CA LEU A 58 -24.45 19.50 10.62
C LEU A 58 -25.21 19.89 11.88
N GLN A 59 -26.53 19.76 11.84
CA GLN A 59 -27.41 20.22 12.93
C GLN A 59 -27.83 19.14 13.92
N ARG A 60 -28.20 19.60 15.14
CA ARG A 60 -28.70 18.73 16.19
C ARG A 60 -29.92 17.91 15.71
N GLY A 61 -29.95 16.63 16.10
CA GLY A 61 -31.04 15.76 15.67
C GLY A 61 -30.64 14.87 14.51
N SER A 62 -29.43 15.07 13.92
CA SER A 62 -28.92 14.18 12.87
C SER A 62 -28.68 12.81 13.53
N ALA A 63 -29.14 11.73 12.89
CA ALA A 63 -29.16 10.41 13.52
C ALA A 63 -29.19 9.27 12.47
N TYR A 64 -28.93 8.01 12.90
CA TYR A 64 -29.05 6.84 12.03
C TYR A 64 -30.53 6.61 11.80
N GLY A 65 -30.85 6.03 10.67
CA GLY A 65 -32.21 5.67 10.33
C GLY A 65 -32.39 4.17 10.28
N GLY A 66 -33.63 3.73 10.16
CA GLY A 66 -33.92 2.32 10.02
C GLY A 66 -33.36 1.37 11.05
N VAL A 67 -32.69 0.30 10.57
CA VAL A 67 -32.15 -0.74 11.45
C VAL A 67 -31.01 -0.27 12.34
N LEU A 68 -30.40 0.91 12.05
CA LEU A 68 -29.34 1.42 12.88
C LEU A 68 -29.83 2.46 13.92
N SER A 69 -31.12 2.82 13.92
CA SER A 69 -31.62 3.90 14.78
C SER A 69 -31.48 3.67 16.28
N SER A 70 -31.38 2.43 16.77
CA SER A 70 -31.20 2.20 18.22
C SER A 70 -29.73 2.25 18.69
N PHE A 71 -28.78 2.36 17.78
CA PHE A 71 -27.36 2.39 18.11
C PHE A 71 -26.82 3.81 18.25
N SER A 72 -26.00 4.03 19.28
CA SER A 72 -25.34 5.32 19.42
C SER A 72 -23.92 5.20 18.81
N GLY A 73 -23.31 6.33 18.54
CA GLY A 73 -21.97 6.36 17.99
C GLY A 73 -21.44 7.76 17.97
N THR A 74 -20.60 8.07 16.99
CA THR A 74 -20.03 9.38 16.83
C THR A 74 -20.10 9.78 15.34
N VAL A 75 -19.95 11.05 15.07
CA VAL A 75 -19.80 11.55 13.73
C VAL A 75 -18.49 12.37 13.73
N LYS A 76 -17.62 12.15 12.75
CA LYS A 76 -16.43 12.96 12.58
C LYS A 76 -16.80 13.99 11.50
N TYR A 77 -16.88 15.26 11.88
CA TYR A 77 -17.27 16.34 11.00
C TYR A 77 -16.11 17.35 10.94
N SER A 78 -15.41 17.39 9.79
CA SER A 78 -14.30 18.30 9.54
C SER A 78 -13.23 18.22 10.62
N GLY A 79 -12.84 16.99 10.94
CA GLY A 79 -11.78 16.75 11.92
C GLY A 79 -12.20 16.63 13.38
N SER A 80 -13.41 17.06 13.72
CA SER A 80 -13.89 17.01 15.09
C SER A 80 -14.88 15.86 15.29
N SER A 81 -14.78 15.15 16.39
CA SER A 81 -15.65 14.02 16.69
C SER A 81 -16.76 14.48 17.66
N TYR A 82 -18.01 14.08 17.40
CA TYR A 82 -19.14 14.46 18.24
C TYR A 82 -20.02 13.26 18.53
N PRO A 83 -20.81 13.27 19.62
CA PRO A 83 -21.80 12.22 19.82
C PRO A 83 -22.82 12.20 18.67
N PHE A 84 -23.27 11.01 18.26
CA PHE A 84 -24.24 10.80 17.20
C PHE A 84 -25.27 9.81 17.78
N PRO A 85 -26.57 10.13 17.85
CA PRO A 85 -27.25 11.33 17.29
C PRO A 85 -26.72 12.66 17.84
N THR A 86 -26.68 13.68 16.97
CA THR A 86 -26.06 14.94 17.37
C THR A 86 -26.90 15.74 18.36
N THR A 87 -26.23 16.19 19.40
CA THR A 87 -26.76 17.03 20.48
C THR A 87 -26.05 18.38 20.58
N SER A 88 -24.99 18.58 19.79
CA SER A 88 -24.21 19.81 19.74
C SER A 88 -24.16 20.34 18.32
N GLU A 89 -23.89 21.63 18.24
CA GLU A 89 -23.67 22.32 16.98
C GLU A 89 -22.27 21.93 16.46
N THR A 90 -22.09 21.96 15.13
CA THR A 90 -20.77 21.64 14.56
C THR A 90 -20.15 22.92 13.99
N PRO A 91 -18.82 22.95 13.82
CA PRO A 91 -18.23 24.10 13.16
C PRO A 91 -18.64 24.13 11.68
N ARG A 92 -18.52 25.29 11.06
CA ARG A 92 -18.85 25.46 9.66
C ARG A 92 -17.77 24.86 8.75
N VAL A 93 -18.18 24.33 7.60
CA VAL A 93 -17.27 23.92 6.55
C VAL A 93 -17.45 25.05 5.51
N VAL A 94 -16.36 25.68 5.11
CA VAL A 94 -16.39 26.81 4.19
C VAL A 94 -16.26 26.31 2.75
N TYR A 95 -17.11 26.82 1.86
CA TYR A 95 -17.01 26.50 0.44
C TYR A 95 -16.75 27.84 -0.26
N ASN A 96 -15.49 28.11 -0.60
CA ASN A 96 -15.07 29.36 -1.22
C ASN A 96 -14.35 29.14 -2.55
N SER A 97 -14.64 28.03 -3.24
CA SER A 97 -13.99 27.72 -4.49
C SER A 97 -14.85 26.82 -5.38
N ARG A 98 -14.57 26.85 -6.69
CA ARG A 98 -15.28 25.98 -7.64
C ARG A 98 -14.68 24.56 -7.68
N THR A 99 -13.54 24.33 -7.02
CA THR A 99 -12.89 23.02 -7.01
C THR A 99 -13.61 22.11 -6.03
N ASP A 100 -14.03 20.91 -6.51
CA ASP A 100 -14.72 19.93 -5.68
C ASP A 100 -13.88 19.51 -4.51
N LYS A 101 -14.53 19.41 -3.38
CA LYS A 101 -13.94 19.07 -2.09
C LYS A 101 -14.82 18.02 -1.46
N PRO A 102 -14.27 16.95 -0.85
CA PRO A 102 -15.13 15.98 -0.15
C PRO A 102 -15.93 16.62 0.98
N TRP A 103 -17.14 16.10 1.26
CA TRP A 103 -17.93 16.57 2.40
C TRP A 103 -17.28 15.79 3.57
N PRO A 104 -16.57 16.48 4.48
CA PRO A 104 -15.71 15.77 5.46
C PRO A 104 -16.46 15.14 6.63
N VAL A 105 -17.20 14.06 6.34
CA VAL A 105 -18.09 13.44 7.31
C VAL A 105 -17.95 11.94 7.34
N ALA A 106 -17.80 11.36 8.54
CA ALA A 106 -17.78 9.90 8.68
C ALA A 106 -18.64 9.52 9.87
N LEU A 107 -19.46 8.50 9.73
CA LEU A 107 -20.37 8.04 10.77
C LEU A 107 -19.84 6.75 11.42
N TYR A 108 -19.81 6.72 12.74
CA TYR A 108 -19.28 5.63 13.55
C TYR A 108 -20.31 5.07 14.52
N LEU A 109 -20.11 3.83 14.95
CA LEU A 109 -20.99 3.14 15.86
C LEU A 109 -20.18 2.74 17.12
N THR A 110 -20.76 2.91 18.31
CA THR A 110 -20.08 2.53 19.55
C THR A 110 -20.24 1.02 19.77
N PRO A 111 -19.13 0.30 19.88
CA PRO A 111 -19.23 -1.16 20.10
C PRO A 111 -20.00 -1.53 21.38
N VAL A 112 -20.93 -2.48 21.24
CA VAL A 112 -21.77 -3.01 22.30
C VAL A 112 -21.62 -4.54 22.46
N SER A 113 -21.18 -5.24 21.42
CA SER A 113 -21.04 -6.71 21.43
C SER A 113 -19.55 -7.15 21.27
N SER A 114 -19.29 -8.46 21.02
CA SER A 114 -17.94 -8.92 20.79
C SER A 114 -17.70 -8.97 19.32
N ALA A 115 -18.56 -9.67 18.55
CA ALA A 115 -18.42 -9.80 17.10
C ALA A 115 -19.76 -9.76 16.37
N GLY A 116 -20.72 -9.03 16.92
CA GLY A 116 -22.04 -8.93 16.31
C GLY A 116 -22.08 -8.14 15.02
N GLY A 117 -23.11 -8.36 14.25
CA GLY A 117 -23.28 -7.66 12.99
C GLY A 117 -24.74 -7.31 12.76
N VAL A 118 -24.97 -6.24 11.99
CA VAL A 118 -26.33 -5.81 11.63
C VAL A 118 -26.36 -5.71 10.11
N ALA A 119 -27.19 -6.51 9.44
CA ALA A 119 -27.28 -6.49 7.99
C ALA A 119 -28.04 -5.26 7.50
N ILE A 120 -27.46 -4.60 6.51
CA ILE A 120 -28.02 -3.44 5.84
C ILE A 120 -28.27 -3.85 4.38
N LYS A 121 -29.52 -3.84 3.94
CA LYS A 121 -29.82 -4.19 2.54
C LYS A 121 -29.65 -2.96 1.66
N ALA A 122 -29.36 -3.18 0.38
CA ALA A 122 -29.26 -2.10 -0.60
C ALA A 122 -30.64 -1.41 -0.70
N GLY A 123 -30.63 -0.08 -0.78
CA GLY A 123 -31.83 0.72 -0.85
C GLY A 123 -32.45 1.09 0.48
N SER A 124 -31.86 0.60 1.58
CA SER A 124 -32.36 0.89 2.89
C SER A 124 -31.73 2.19 3.46
N LEU A 125 -32.49 2.91 4.29
CA LEU A 125 -32.10 4.17 4.90
C LEU A 125 -31.11 3.91 6.00
N ILE A 126 -29.98 4.61 5.99
CA ILE A 126 -28.99 4.43 7.03
C ILE A 126 -28.88 5.65 7.91
N ALA A 127 -29.15 6.88 7.41
CA ALA A 127 -29.05 8.09 8.24
C ALA A 127 -29.90 9.24 7.73
N VAL A 128 -30.30 10.15 8.63
CA VAL A 128 -31.04 11.33 8.28
C VAL A 128 -30.21 12.48 8.83
N LEU A 129 -29.51 13.19 7.97
CA LEU A 129 -28.61 14.26 8.37
C LEU A 129 -29.25 15.62 8.11
N ILE A 130 -29.21 16.50 9.11
CA ILE A 130 -29.80 17.83 9.01
C ILE A 130 -28.67 18.81 8.78
N LEU A 131 -28.74 19.60 7.72
CA LEU A 131 -27.69 20.55 7.38
C LEU A 131 -28.25 21.98 7.45
N ARG A 132 -27.38 22.96 7.71
CA ARG A 132 -27.78 24.34 7.74
C ARG A 132 -26.75 25.13 6.95
N GLN A 133 -27.22 25.86 5.93
CA GLN A 133 -26.40 26.65 5.04
C GLN A 133 -26.55 28.15 5.30
N THR A 134 -25.43 28.84 5.49
CA THR A 134 -25.37 30.29 5.72
C THR A 134 -24.35 30.92 4.74
N ASN A 135 -24.16 32.25 4.80
CA ASN A 135 -23.21 32.94 3.93
C ASN A 135 -22.52 34.09 4.68
N ASN A 136 -21.58 34.79 4.02
CA ASN A 136 -20.81 35.87 4.63
C ASN A 136 -21.33 37.29 4.41
N TYR A 137 -22.49 37.49 3.72
CA TYR A 137 -22.94 38.86 3.44
C TYR A 137 -24.27 39.24 4.08
N ASN A 138 -25.17 38.28 4.30
CA ASN A 138 -26.44 38.59 4.97
C ASN A 138 -26.83 37.48 6.00
N SER A 139 -27.98 37.61 6.64
CA SER A 139 -28.44 36.66 7.65
C SER A 139 -29.33 35.54 7.09
N ASP A 140 -29.41 35.39 5.75
CA ASP A 140 -30.23 34.34 5.16
C ASP A 140 -29.62 32.95 5.47
N ASP A 141 -30.49 32.02 5.82
CA ASP A 141 -30.08 30.65 6.09
C ASP A 141 -31.07 29.67 5.50
N PHE A 142 -30.62 28.43 5.37
CA PHE A 142 -31.47 27.39 4.82
C PHE A 142 -31.18 26.09 5.54
N GLN A 143 -32.21 25.47 6.13
CA GLN A 143 -32.06 24.20 6.82
C GLN A 143 -32.70 23.12 5.97
N PHE A 144 -31.95 22.07 5.66
CA PHE A 144 -32.41 20.98 4.80
C PHE A 144 -31.91 19.60 5.29
N VAL A 145 -32.48 18.55 4.73
CA VAL A 145 -32.16 17.20 5.14
C VAL A 145 -31.61 16.37 3.99
N TRP A 146 -30.58 15.58 4.31
CA TRP A 146 -30.03 14.56 3.41
C TRP A 146 -30.33 13.20 4.00
N ASN A 147 -31.16 12.41 3.31
CA ASN A 147 -31.48 11.04 3.75
C ASN A 147 -30.49 10.14 3.06
N ILE A 148 -29.59 9.54 3.82
CA ILE A 148 -28.52 8.71 3.29
C ILE A 148 -29.00 7.28 3.13
N TYR A 149 -28.97 6.77 1.89
CA TYR A 149 -29.44 5.44 1.53
C TYR A 149 -28.29 4.56 1.07
N ALA A 150 -28.33 3.28 1.43
CA ALA A 150 -27.30 2.32 1.04
C ALA A 150 -27.44 1.95 -0.44
N ASN A 151 -26.33 2.01 -1.17
CA ASN A 151 -26.29 1.53 -2.54
C ASN A 151 -26.07 0.01 -2.55
N ASN A 152 -25.44 -0.55 -1.50
CA ASN A 152 -25.00 -1.93 -1.44
C ASN A 152 -25.41 -2.68 -0.18
N ASP A 153 -25.40 -4.02 -0.28
CA ASP A 153 -25.66 -4.91 0.83
C ASP A 153 -24.39 -4.96 1.67
N VAL A 154 -24.54 -4.76 2.97
CA VAL A 154 -23.40 -4.71 3.85
C VAL A 154 -23.75 -5.21 5.25
N VAL A 155 -22.75 -5.57 6.03
CA VAL A 155 -22.97 -5.96 7.43
C VAL A 155 -22.19 -4.97 8.26
N VAL A 156 -22.88 -4.24 9.14
CA VAL A 156 -22.21 -3.25 9.97
C VAL A 156 -21.81 -3.95 11.27
N PRO A 157 -20.51 -3.99 11.61
CA PRO A 157 -20.09 -4.68 12.84
C PRO A 157 -20.50 -3.88 14.09
N THR A 158 -20.94 -4.57 15.14
CA THR A 158 -21.32 -3.90 16.39
C THR A 158 -20.41 -4.21 17.57
N GLY A 159 -19.30 -4.90 17.33
CA GLY A 159 -18.38 -5.27 18.39
C GLY A 159 -16.95 -4.91 18.08
N GLY A 160 -16.03 -5.46 18.84
CA GLY A 160 -14.61 -5.19 18.65
C GLY A 160 -13.93 -6.13 17.67
N CYS A 161 -14.66 -7.17 17.23
CA CYS A 161 -14.13 -8.21 16.36
C CYS A 161 -15.02 -8.45 15.14
N ASP A 162 -14.45 -8.97 14.07
CA ASP A 162 -15.21 -9.29 12.86
C ASP A 162 -14.82 -10.67 12.30
N VAL A 163 -15.73 -11.28 11.54
CA VAL A 163 -15.58 -12.63 11.04
C VAL A 163 -15.36 -12.72 9.54
N SER A 164 -14.78 -13.85 9.09
CA SER A 164 -14.53 -14.05 7.66
C SER A 164 -15.83 -14.15 6.86
N ALA A 165 -16.90 -14.64 7.47
CA ALA A 165 -18.21 -14.77 6.84
C ALA A 165 -19.26 -14.89 7.93
N ARG A 166 -20.47 -14.38 7.68
CA ARG A 166 -21.58 -14.48 8.60
C ARG A 166 -22.42 -15.76 8.36
N ASP A 167 -22.26 -16.41 7.21
CA ASP A 167 -22.98 -17.62 6.85
C ASP A 167 -22.01 -18.50 6.09
N VAL A 168 -21.82 -19.73 6.56
CA VAL A 168 -20.89 -20.68 5.96
C VAL A 168 -21.64 -22.01 5.72
N THR A 169 -21.54 -22.60 4.54
CA THR A 169 -22.16 -23.89 4.25
C THR A 169 -21.03 -24.85 3.93
N VAL A 170 -21.04 -26.05 4.53
CA VAL A 170 -20.06 -27.07 4.24
C VAL A 170 -20.78 -28.37 3.83
N THR A 171 -20.11 -29.18 3.02
CA THR A 171 -20.67 -30.46 2.59
C THR A 171 -19.75 -31.55 3.09
N LEU A 172 -20.28 -32.40 3.96
CA LEU A 172 -19.54 -33.53 4.48
C LEU A 172 -19.38 -34.54 3.36
N PRO A 173 -18.30 -35.35 3.35
CA PRO A 173 -18.28 -36.51 2.43
C PRO A 173 -19.41 -37.47 2.85
N ASP A 174 -19.76 -38.47 2.03
CA ASP A 174 -20.80 -39.43 2.41
C ASP A 174 -20.41 -40.14 3.71
N TYR A 175 -21.40 -40.40 4.57
CA TYR A 175 -21.19 -41.04 5.86
C TYR A 175 -20.33 -42.32 5.79
N PRO A 176 -19.34 -42.46 6.68
CA PRO A 176 -18.87 -41.49 7.67
C PRO A 176 -17.77 -40.59 7.06
N GLY A 177 -17.53 -39.45 7.68
CA GLY A 177 -16.52 -38.53 7.21
C GLY A 177 -16.57 -37.18 7.88
N SER A 178 -15.58 -36.36 7.58
CA SER A 178 -15.45 -35.05 8.16
C SER A 178 -15.07 -33.99 7.11
N VAL A 179 -15.32 -32.71 7.42
CA VAL A 179 -14.96 -31.62 6.54
C VAL A 179 -14.56 -30.40 7.39
N PRO A 180 -13.46 -29.71 7.04
CA PRO A 180 -13.11 -28.49 7.79
C PRO A 180 -14.14 -27.39 7.55
N ILE A 181 -14.35 -26.52 8.54
CA ILE A 181 -15.26 -25.39 8.39
C ILE A 181 -14.40 -24.15 8.29
N PRO A 182 -14.38 -23.50 7.12
CA PRO A 182 -13.55 -22.29 6.97
C PRO A 182 -14.20 -21.11 7.67
N LEU A 183 -13.64 -20.70 8.81
CA LEU A 183 -14.20 -19.62 9.59
C LEU A 183 -13.13 -19.04 10.51
N THR A 184 -12.83 -17.75 10.32
CA THR A 184 -11.83 -17.04 11.10
C THR A 184 -12.43 -15.79 11.73
N VAL A 185 -11.73 -15.24 12.72
CA VAL A 185 -12.13 -14.03 13.41
C VAL A 185 -10.89 -13.16 13.68
N TYR A 186 -11.05 -11.86 13.70
CA TYR A 186 -9.97 -10.93 14.03
C TYR A 186 -10.57 -9.81 14.88
N CYS A 187 -9.76 -9.08 15.65
CA CYS A 187 -10.25 -7.98 16.47
C CYS A 187 -9.41 -6.72 16.18
N ALA A 188 -10.02 -5.52 16.31
CA ALA A 188 -9.32 -4.25 16.05
C ALA A 188 -8.08 -4.08 16.96
N LYS A 189 -8.17 -4.61 18.17
CA LYS A 189 -7.06 -4.67 19.12
C LYS A 189 -7.14 -6.07 19.80
N SER A 190 -6.07 -6.49 20.50
CA SER A 190 -6.07 -7.80 21.17
C SER A 190 -7.23 -7.95 22.15
N GLN A 191 -8.01 -9.01 22.00
CA GLN A 191 -9.11 -9.34 22.90
C GLN A 191 -8.95 -10.78 23.37
N ASN A 192 -9.35 -11.10 24.60
CA ASN A 192 -9.35 -12.47 25.08
C ASN A 192 -10.71 -12.97 24.64
N LEU A 193 -10.72 -13.60 23.49
CA LEU A 193 -11.94 -13.99 22.80
C LEU A 193 -12.27 -15.46 22.91
N GLY A 194 -13.55 -15.71 23.02
CA GLY A 194 -14.13 -17.04 23.02
C GLY A 194 -15.38 -17.11 22.16
N TYR A 195 -15.93 -18.31 22.03
CA TYR A 195 -17.16 -18.48 21.29
C TYR A 195 -17.91 -19.68 21.79
N TYR A 196 -19.20 -19.75 21.53
CA TYR A 196 -20.00 -20.93 21.85
C TYR A 196 -20.94 -21.26 20.68
N LEU A 197 -21.32 -22.55 20.58
CA LEU A 197 -22.21 -23.04 19.55
C LEU A 197 -23.64 -23.07 20.08
N SER A 198 -24.60 -22.89 19.18
CA SER A 198 -26.00 -22.99 19.56
C SER A 198 -26.80 -23.68 18.47
N GLY A 199 -27.86 -24.32 18.88
CA GLY A 199 -28.74 -25.03 17.98
C GLY A 199 -29.52 -26.08 18.74
N THR A 200 -30.02 -27.07 18.03
CA THR A 200 -30.81 -28.13 18.62
C THR A 200 -30.01 -29.40 18.64
N THR A 201 -29.83 -29.98 19.83
CA THR A 201 -29.06 -31.21 19.96
C THR A 201 -29.99 -32.38 20.25
N ALA A 202 -29.55 -33.56 19.87
CA ALA A 202 -30.34 -34.76 20.03
C ALA A 202 -29.89 -35.62 21.22
N ASP A 203 -28.64 -35.48 21.66
CA ASP A 203 -28.07 -36.37 22.67
C ASP A 203 -28.03 -35.83 24.09
N ALA A 204 -27.88 -36.74 25.07
CA ALA A 204 -27.73 -36.34 26.47
C ALA A 204 -26.48 -35.46 26.66
N GLY A 205 -25.43 -35.73 25.88
CA GLY A 205 -24.18 -34.99 25.92
C GLY A 205 -24.22 -33.58 25.36
N ASN A 206 -25.34 -33.18 24.71
CA ASN A 206 -25.54 -31.85 24.12
C ASN A 206 -24.39 -31.51 23.15
N SER A 207 -23.95 -32.47 22.35
CA SER A 207 -22.83 -32.29 21.41
C SER A 207 -23.13 -32.79 19.98
N ILE A 208 -24.31 -33.33 19.74
CA ILE A 208 -24.70 -33.82 18.43
C ILE A 208 -25.91 -33.04 18.02
N PHE A 209 -25.76 -32.20 17.00
CA PHE A 209 -26.87 -31.41 16.48
C PHE A 209 -27.80 -32.32 15.69
N THR A 210 -29.10 -32.20 15.95
CA THR A 210 -30.16 -32.98 15.32
C THR A 210 -30.16 -32.80 13.82
N ASN A 211 -30.52 -33.86 13.12
CA ASN A 211 -30.66 -33.84 11.69
C ASN A 211 -32.04 -33.24 11.42
N THR A 212 -32.05 -32.02 10.85
CA THR A 212 -33.28 -31.32 10.49
C THR A 212 -33.56 -31.32 9.00
N ALA A 213 -32.92 -32.18 8.20
CA ALA A 213 -33.21 -32.27 6.76
C ALA A 213 -34.70 -32.66 6.59
N SER A 214 -35.44 -31.93 5.73
CA SER A 214 -36.86 -32.17 5.54
C SER A 214 -37.21 -33.19 4.47
N PHE A 215 -36.31 -33.41 3.51
CA PHE A 215 -36.62 -34.35 2.44
C PHE A 215 -35.74 -35.57 2.47
N SER A 216 -36.37 -36.78 2.46
CA SER A 216 -35.73 -38.10 2.51
C SER A 216 -34.50 -38.15 3.44
N PRO A 217 -34.65 -37.75 4.72
CA PRO A 217 -33.49 -37.72 5.60
C PRO A 217 -33.11 -39.07 6.15
N ALA A 218 -31.89 -39.12 6.65
CA ALA A 218 -31.33 -40.28 7.31
C ALA A 218 -32.00 -40.34 8.70
N GLN A 219 -31.88 -41.47 9.38
CA GLN A 219 -32.31 -41.61 10.78
C GLN A 219 -31.08 -42.08 11.54
N GLY A 220 -31.04 -41.81 12.83
CA GLY A 220 -29.97 -42.28 13.70
C GLY A 220 -28.65 -41.53 13.65
N VAL A 221 -28.62 -40.36 13.00
CA VAL A 221 -27.38 -39.60 12.87
C VAL A 221 -27.60 -38.09 12.99
N GLY A 222 -26.59 -37.41 13.48
CA GLY A 222 -26.58 -35.95 13.60
C GLY A 222 -25.22 -35.40 13.24
N VAL A 223 -24.99 -34.10 13.50
CA VAL A 223 -23.72 -33.46 13.14
C VAL A 223 -22.99 -33.07 14.41
N GLN A 224 -21.69 -33.34 14.49
CA GLN A 224 -20.90 -33.02 15.66
C GLN A 224 -19.69 -32.21 15.24
N LEU A 225 -19.43 -31.11 15.94
CA LEU A 225 -18.27 -30.28 15.62
C LEU A 225 -17.07 -30.63 16.51
N THR A 226 -15.89 -30.65 15.90
CA THR A 226 -14.66 -30.95 16.60
C THR A 226 -13.58 -29.91 16.33
N ARG A 227 -12.58 -29.86 17.20
CA ARG A 227 -11.41 -29.00 17.01
C ARG A 227 -10.24 -29.94 17.20
N GLN A 228 -9.68 -30.43 16.09
CA GLN A 228 -8.60 -31.43 16.10
C GLN A 228 -8.98 -32.67 16.92
N GLY A 229 -10.16 -33.20 16.66
CA GLY A 229 -10.68 -34.39 17.34
C GLY A 229 -11.35 -34.11 18.67
N THR A 230 -11.08 -32.97 19.29
CA THR A 230 -11.70 -32.60 20.57
C THR A 230 -13.18 -32.25 20.28
N ILE A 231 -14.14 -32.77 21.04
CA ILE A 231 -15.55 -32.54 20.79
C ILE A 231 -16.08 -31.27 21.42
N ILE A 232 -16.74 -30.41 20.61
CA ILE A 232 -17.29 -29.15 21.10
C ILE A 232 -18.79 -29.27 21.35
N PRO A 233 -19.21 -29.33 22.63
CA PRO A 233 -20.66 -29.34 22.89
C PRO A 233 -21.28 -27.94 22.68
N ALA A 234 -22.60 -27.91 22.53
CA ALA A 234 -23.33 -26.65 22.41
C ALA A 234 -23.32 -25.93 23.75
N ASN A 235 -23.47 -24.60 23.71
CA ASN A 235 -23.57 -23.75 24.90
C ASN A 235 -22.37 -23.89 25.85
N ASN A 236 -21.16 -23.94 25.28
CA ASN A 236 -19.97 -24.13 26.07
C ASN A 236 -18.89 -23.26 25.47
N THR A 237 -18.50 -22.20 26.17
CA THR A 237 -17.49 -21.30 25.66
C THR A 237 -16.14 -21.95 25.45
N VAL A 238 -15.63 -21.82 24.22
CA VAL A 238 -14.32 -22.30 23.79
C VAL A 238 -13.42 -21.06 23.69
N SER A 239 -12.32 -21.05 24.42
CA SER A 239 -11.39 -19.94 24.36
C SER A 239 -10.50 -20.02 23.10
N LEU A 240 -10.31 -18.90 22.43
CA LEU A 240 -9.38 -18.78 21.30
C LEU A 240 -8.06 -18.12 21.73
N GLY A 241 -7.91 -17.76 23.01
CA GLY A 241 -6.74 -17.04 23.48
C GLY A 241 -6.88 -15.58 23.09
N ALA A 242 -5.74 -14.89 22.94
CA ALA A 242 -5.74 -13.50 22.57
C ALA A 242 -5.87 -13.42 21.06
N VAL A 243 -6.89 -12.71 20.56
CA VAL A 243 -7.13 -12.51 19.14
C VAL A 243 -6.93 -11.04 18.80
N GLY A 244 -5.97 -10.76 17.94
CA GLY A 244 -5.65 -9.40 17.52
C GLY A 244 -6.04 -9.13 16.08
N THR A 245 -5.32 -8.24 15.41
CA THR A 245 -5.61 -7.84 14.04
C THR A 245 -5.39 -8.96 13.01
N SER A 246 -4.54 -9.96 13.33
CA SER A 246 -4.34 -11.09 12.42
C SER A 246 -5.45 -12.14 12.66
N ALA A 247 -6.11 -12.56 11.59
CA ALA A 247 -7.19 -13.53 11.64
C ALA A 247 -6.77 -14.84 12.33
N VAL A 248 -7.65 -15.37 13.15
CA VAL A 248 -7.43 -16.61 13.89
C VAL A 248 -8.55 -17.56 13.53
N SER A 249 -8.21 -18.75 13.06
CA SER A 249 -9.18 -19.75 12.69
C SER A 249 -9.83 -20.33 13.92
N LEU A 250 -11.12 -20.59 13.88
CA LEU A 250 -11.81 -21.25 15.02
C LEU A 250 -11.36 -22.74 15.10
N GLY A 251 -10.78 -23.28 14.03
CA GLY A 251 -10.28 -24.64 13.92
C GLY A 251 -11.37 -25.69 13.97
N LEU A 252 -12.57 -25.35 13.50
CA LEU A 252 -13.72 -26.25 13.54
C LEU A 252 -13.80 -27.20 12.35
N THR A 253 -14.26 -28.44 12.62
CA THR A 253 -14.45 -29.49 11.64
C THR A 253 -15.84 -30.09 11.90
N ALA A 254 -16.61 -30.37 10.83
CA ALA A 254 -17.92 -31.02 10.96
C ALA A 254 -17.72 -32.51 10.76
N ASN A 255 -18.54 -33.31 11.44
CA ASN A 255 -18.51 -34.78 11.40
C ASN A 255 -19.93 -35.28 11.57
N TYR A 256 -20.17 -36.56 11.26
CA TYR A 256 -21.45 -37.20 11.61
C TYR A 256 -21.23 -37.86 12.98
N ALA A 257 -22.31 -38.04 13.75
CA ALA A 257 -22.22 -38.73 15.04
C ALA A 257 -23.55 -39.47 15.26
N ARG A 258 -23.48 -40.68 15.80
CA ARG A 258 -24.68 -41.51 16.00
C ARG A 258 -25.50 -41.07 17.18
N THR A 259 -26.82 -41.10 17.03
CA THR A 259 -27.78 -40.72 18.09
C THR A 259 -28.52 -41.91 18.73
N GLY A 260 -28.41 -43.09 18.13
CA GLY A 260 -29.07 -44.28 18.63
C GLY A 260 -29.69 -45.06 17.50
N GLY A 261 -29.50 -46.38 17.55
CA GLY A 261 -30.06 -47.25 16.54
C GLY A 261 -29.27 -47.23 15.24
N GLN A 262 -29.79 -47.93 14.25
CA GLN A 262 -29.18 -48.01 12.94
C GLN A 262 -29.18 -46.65 12.24
N VAL A 263 -28.06 -46.34 11.57
CA VAL A 263 -27.94 -45.14 10.75
C VAL A 263 -28.51 -45.54 9.38
N THR A 264 -29.63 -44.94 8.98
CA THR A 264 -30.27 -45.29 7.72
C THR A 264 -29.99 -44.26 6.62
N ALA A 265 -30.13 -44.67 5.35
CA ALA A 265 -29.87 -43.85 4.16
C ALA A 265 -30.68 -42.57 4.11
N GLY A 266 -30.07 -41.52 3.58
CA GLY A 266 -30.76 -40.25 3.38
C GLY A 266 -29.94 -38.99 3.65
N ASN A 267 -30.59 -37.86 3.49
CA ASN A 267 -30.01 -36.53 3.72
C ASN A 267 -29.81 -36.18 5.17
N VAL A 268 -28.74 -35.44 5.43
CA VAL A 268 -28.41 -34.95 6.76
C VAL A 268 -28.23 -33.44 6.67
N GLN A 269 -28.83 -32.69 7.60
CA GLN A 269 -28.62 -31.26 7.66
C GLN A 269 -28.70 -30.78 9.11
N SER A 270 -27.77 -29.90 9.51
CA SER A 270 -27.80 -29.25 10.81
C SER A 270 -27.40 -27.78 10.62
N ILE A 271 -28.13 -26.86 11.24
CA ILE A 271 -27.87 -25.41 11.18
C ILE A 271 -27.37 -25.03 12.57
N ILE A 272 -26.11 -24.61 12.68
CA ILE A 272 -25.46 -24.33 13.95
C ILE A 272 -25.02 -22.88 14.05
N GLY A 273 -25.37 -22.20 15.13
CA GLY A 273 -24.93 -20.83 15.35
C GLY A 273 -23.60 -20.75 16.08
N VAL A 274 -22.85 -19.67 15.86
CA VAL A 274 -21.60 -19.38 16.55
C VAL A 274 -21.73 -17.99 17.14
N THR A 275 -21.55 -17.81 18.45
CA THR A 275 -21.63 -16.50 19.07
C THR A 275 -20.32 -16.23 19.79
N PHE A 276 -19.71 -15.07 19.56
CA PHE A 276 -18.47 -14.70 20.21
C PHE A 276 -18.71 -13.94 21.50
N VAL A 277 -17.84 -14.17 22.49
N VAL A 277 -17.84 -14.17 22.51
CA VAL A 277 -17.90 -13.53 23.80
CA VAL A 277 -17.90 -13.50 23.80
C VAL A 277 -16.47 -13.15 24.27
C VAL A 277 -16.47 -13.13 24.26
N TYR A 278 -16.35 -12.04 25.00
CA TYR A 278 -15.05 -11.66 25.57
C TYR A 278 -14.92 -12.48 26.87
N GLN A 279 -13.68 -12.73 27.35
CA GLN A 279 -13.47 -13.46 28.59
C GLN A 279 -14.19 -12.79 29.78
N GLY A 280 -15.09 -13.54 30.41
CA GLY A 280 -15.88 -13.03 31.53
C GLY A 280 -17.03 -12.12 31.11
N GLY A 281 -17.36 -12.11 29.82
CA GLY A 281 -18.44 -11.29 29.28
C GLY A 281 -19.72 -12.06 29.09
N SER A 282 -20.84 -11.33 29.01
CA SER A 282 -22.17 -11.92 28.87
C SER A 282 -22.44 -12.43 27.47
N SER A 283 -23.31 -13.44 27.38
CA SER A 283 -23.69 -14.11 26.14
C SER A 283 -24.89 -13.41 25.48
N GLY A 284 -24.75 -12.11 25.24
CA GLY A 284 -25.81 -11.31 24.65
C GLY A 284 -25.99 -11.52 23.16
N GLY A 285 -27.18 -11.16 22.67
CA GLY A 285 -27.53 -11.26 21.25
C GLY A 285 -27.65 -12.66 20.68
N GLY A 286 -28.01 -12.72 19.40
CA GLY A 286 -28.13 -13.99 18.69
C GLY A 286 -26.81 -14.44 18.09
N ALA A 287 -26.86 -15.46 17.23
CA ALA A 287 -25.66 -15.98 16.60
C ALA A 287 -24.98 -14.96 15.70
N ASP A 288 -23.66 -14.93 15.78
CA ASP A 288 -22.83 -14.08 14.95
C ASP A 288 -22.59 -14.72 13.60
N VAL A 289 -22.51 -16.06 13.54
CA VAL A 289 -22.28 -16.80 12.31
C VAL A 289 -23.25 -17.98 12.26
N THR A 290 -23.79 -18.32 11.08
CA THR A 290 -24.62 -19.48 10.92
C THR A 290 -23.92 -20.47 10.02
N ILE A 291 -23.68 -21.69 10.51
CA ILE A 291 -23.03 -22.76 9.76
C ILE A 291 -24.10 -23.78 9.35
N THR A 292 -24.19 -24.07 8.07
CA THR A 292 -25.09 -25.10 7.56
C THR A 292 -24.23 -26.27 7.16
N VAL A 293 -24.45 -27.42 7.79
CA VAL A 293 -23.70 -28.61 7.46
C VAL A 293 -24.62 -29.56 6.73
N ASN A 294 -24.24 -29.93 5.50
CA ASN A 294 -25.01 -30.87 4.71
C ASN A 294 -24.23 -32.15 4.60
N GLY A 295 -24.95 -33.27 4.63
CA GLY A 295 -24.34 -34.58 4.49
C GLY A 295 -25.33 -35.59 3.91
N LYS A 296 -24.87 -36.82 3.75
CA LYS A 296 -25.71 -37.86 3.18
C LYS A 296 -25.23 -39.24 3.61
N VAL A 297 -26.17 -40.10 4.00
CA VAL A 297 -25.89 -41.50 4.32
C VAL A 297 -26.31 -42.27 3.06
N VAL A 298 -25.40 -42.99 2.42
CA VAL A 298 -25.73 -43.76 1.23
C VAL A 298 -25.83 -45.25 1.56
N ALA A 299 -26.93 -45.87 1.14
CA ALA A 299 -27.17 -47.30 1.36
C ALA A 299 -26.22 -48.12 0.51
N LYS A 300 -25.65 -49.19 1.07
CA LYS A 300 -24.73 -50.04 0.33
C LYS A 300 -25.48 -51.12 -0.45
N PHE B 1 0.85 -7.01 -39.20
CA PHE B 1 1.44 -6.71 -37.91
C PHE B 1 1.74 -5.21 -37.92
N ALA B 2 0.91 -4.44 -37.23
CA ALA B 2 1.06 -2.99 -37.18
C ALA B 2 1.10 -2.57 -35.73
N CYS B 3 2.11 -1.79 -35.36
CA CYS B 3 2.31 -1.40 -33.98
C CYS B 3 2.33 0.11 -33.74
N LYS B 4 2.11 0.51 -32.50
CA LYS B 4 2.15 1.90 -32.07
C LYS B 4 2.65 1.96 -30.64
N THR B 5 3.18 3.11 -30.24
CA THR B 5 3.65 3.31 -28.88
C THR B 5 2.52 3.82 -27.98
N ALA B 6 2.72 3.84 -26.66
CA ALA B 6 1.70 4.33 -25.72
C ALA B 6 1.39 5.81 -25.99
N SER B 7 2.38 6.59 -26.49
CA SER B 7 2.18 7.99 -26.83
C SER B 7 1.50 8.22 -28.21
N GLY B 8 0.99 7.15 -28.81
CA GLY B 8 0.28 7.24 -30.08
C GLY B 8 1.09 7.13 -31.34
N THR B 9 2.44 7.21 -31.24
CA THR B 9 3.32 7.17 -32.41
C THR B 9 3.33 5.81 -33.11
N ALA B 10 3.02 5.78 -34.40
CA ALA B 10 3.03 4.52 -35.16
C ALA B 10 4.45 4.06 -35.42
N ILE B 11 4.66 2.75 -35.40
CA ILE B 11 5.97 2.18 -35.70
C ILE B 11 5.90 1.79 -37.16
N PRO B 12 6.84 2.29 -37.99
CA PRO B 12 6.79 2.02 -39.44
C PRO B 12 6.61 0.55 -39.79
N ILE B 13 5.49 0.24 -40.44
CA ILE B 13 5.11 -1.11 -40.84
C ILE B 13 6.02 -1.62 -41.95
N GLY B 14 6.64 -2.77 -41.75
CA GLY B 14 7.50 -3.39 -42.76
C GLY B 14 8.86 -2.76 -42.97
N ALA B 15 9.25 -1.81 -42.12
CA ALA B 15 10.56 -1.17 -42.21
C ALA B 15 11.63 -2.12 -41.66
N ALA B 16 12.84 -2.02 -42.18
CA ALA B 16 13.93 -2.88 -41.75
C ALA B 16 14.56 -2.45 -40.41
N SER B 17 14.57 -1.12 -40.07
CA SER B 17 15.18 -0.60 -38.83
C SER B 17 14.48 0.65 -38.25
N ALA B 18 13.56 0.43 -37.29
CA ALA B 18 12.76 1.48 -36.71
C ALA B 18 13.29 1.95 -35.36
N ASN B 19 13.13 3.23 -35.08
CA ASN B 19 13.53 3.81 -33.80
C ASN B 19 12.23 3.98 -33.00
N VAL B 20 12.11 3.25 -31.89
CA VAL B 20 10.93 3.22 -31.05
C VAL B 20 11.20 3.89 -29.73
N TYR B 21 10.54 5.02 -29.50
CA TYR B 21 10.73 5.84 -28.32
C TYR B 21 9.71 5.46 -27.27
N VAL B 22 10.20 4.96 -26.13
CA VAL B 22 9.34 4.46 -25.05
C VAL B 22 9.72 5.07 -23.70
N ASN B 23 8.77 5.11 -22.76
CA ASN B 23 9.06 5.58 -21.40
C ASN B 23 9.51 4.36 -20.57
N LEU B 24 10.52 4.53 -19.71
CA LEU B 24 10.95 3.43 -18.85
C LEU B 24 10.84 3.79 -17.38
N ALA B 25 10.55 2.79 -16.57
CA ALA B 25 10.42 2.98 -15.13
C ALA B 25 11.25 1.88 -14.48
N PRO B 26 12.58 2.02 -14.48
CA PRO B 26 13.44 0.97 -13.92
C PRO B 26 13.27 0.80 -12.41
N ALA B 27 13.43 -0.44 -11.93
CA ALA B 27 13.27 -0.70 -10.51
C ALA B 27 14.04 -1.92 -10.07
N VAL B 28 14.53 -1.92 -8.83
CA VAL B 28 15.17 -3.13 -8.30
C VAL B 28 14.06 -4.15 -7.97
N ASN B 29 14.29 -5.42 -8.29
CA ASN B 29 13.40 -6.52 -7.90
C ASN B 29 14.33 -7.62 -7.31
N VAL B 30 13.76 -8.66 -6.69
CA VAL B 30 14.55 -9.75 -6.12
C VAL B 30 15.21 -10.52 -7.26
N GLY B 31 16.54 -10.63 -7.20
CA GLY B 31 17.33 -11.39 -8.17
C GLY B 31 17.61 -10.74 -9.50
N GLN B 32 16.79 -9.75 -9.90
CA GLN B 32 16.98 -9.04 -11.17
C GLN B 32 16.23 -7.72 -11.15
N ASN B 33 16.70 -6.76 -11.95
CA ASN B 33 16.11 -5.42 -11.99
C ASN B 33 15.36 -5.15 -13.25
N LEU B 34 14.16 -4.58 -13.16
CA LEU B 34 13.42 -4.18 -14.36
C LEU B 34 14.13 -2.97 -15.01
N VAL B 35 14.36 -3.05 -16.34
CA VAL B 35 14.93 -1.93 -17.08
C VAL B 35 13.75 -1.22 -17.77
N VAL B 36 12.95 -1.96 -18.53
CA VAL B 36 11.80 -1.43 -19.22
C VAL B 36 10.76 -2.52 -19.43
N ASP B 37 9.51 -2.22 -19.10
CA ASP B 37 8.41 -3.12 -19.39
C ASP B 37 7.80 -2.59 -20.71
N LEU B 38 8.13 -3.24 -21.84
CA LEU B 38 7.62 -2.81 -23.14
C LEU B 38 6.15 -3.16 -23.37
N SER B 39 5.53 -3.99 -22.52
CA SER B 39 4.12 -4.33 -22.68
C SER B 39 3.19 -3.15 -22.40
N THR B 40 3.65 -2.15 -21.64
CA THR B 40 2.88 -0.93 -21.41
C THR B 40 3.24 0.17 -22.44
N GLN B 41 4.22 -0.09 -23.35
CA GLN B 41 4.73 0.88 -24.29
C GLN B 41 4.46 0.57 -25.74
N ILE B 42 4.35 -0.70 -26.10
CA ILE B 42 4.17 -1.09 -27.50
C ILE B 42 2.92 -1.93 -27.65
N PHE B 43 2.03 -1.55 -28.56
CA PHE B 43 0.76 -2.25 -28.78
C PHE B 43 0.63 -2.58 -30.25
N CYS B 44 0.32 -3.83 -30.56
CA CYS B 44 0.26 -4.34 -31.91
C CYS B 44 -1.06 -5.02 -32.25
N HIS B 45 -1.40 -5.01 -33.54
CA HIS B 45 -2.60 -5.67 -34.05
C HIS B 45 -2.37 -6.19 -35.48
N ASN B 46 -3.32 -6.94 -36.01
CA ASN B 46 -3.27 -7.45 -37.37
C ASN B 46 -4.37 -6.69 -38.13
N ASP B 47 -4.02 -5.93 -39.17
CA ASP B 47 -5.01 -5.16 -39.92
C ASP B 47 -5.88 -6.03 -40.84
N TYR B 48 -5.42 -7.24 -41.21
CA TYR B 48 -6.18 -8.13 -42.10
C TYR B 48 -6.27 -9.56 -41.53
N PRO B 49 -6.93 -9.77 -40.38
CA PRO B 49 -6.94 -11.12 -39.78
C PRO B 49 -7.68 -12.20 -40.58
N GLU B 50 -8.62 -11.81 -41.44
CA GLU B 50 -9.38 -12.79 -42.23
C GLU B 50 -8.53 -13.41 -43.33
N THR B 51 -7.58 -12.64 -43.89
CA THR B 51 -6.73 -13.15 -44.96
C THR B 51 -5.36 -13.61 -44.50
N ILE B 52 -4.90 -13.20 -43.29
CA ILE B 52 -3.59 -13.60 -42.79
C ILE B 52 -3.50 -13.64 -41.26
N THR B 53 -2.71 -14.55 -40.71
CA THR B 53 -2.45 -14.63 -39.27
C THR B 53 -0.95 -14.34 -39.10
N ASP B 54 -0.59 -13.34 -38.29
CA ASP B 54 0.81 -12.96 -38.11
C ASP B 54 1.45 -13.66 -36.92
N TYR B 55 2.74 -14.02 -37.05
CA TYR B 55 3.50 -14.62 -35.97
C TYR B 55 4.80 -13.82 -35.81
N VAL B 56 5.11 -13.38 -34.59
CA VAL B 56 6.31 -12.60 -34.34
C VAL B 56 7.14 -13.22 -33.21
N THR B 57 8.44 -13.41 -33.48
CA THR B 57 9.39 -13.91 -32.50
C THR B 57 10.48 -12.88 -32.25
N LEU B 58 11.16 -12.99 -31.10
CA LEU B 58 12.33 -12.19 -30.76
C LEU B 58 13.51 -13.09 -31.17
N GLN B 59 14.41 -12.58 -32.01
CA GLN B 59 15.50 -13.36 -32.54
C GLN B 59 16.76 -13.30 -31.72
N ARG B 60 17.58 -14.36 -31.86
CA ARG B 60 18.83 -14.41 -31.15
C ARG B 60 19.74 -13.24 -31.59
N GLY B 61 20.49 -12.71 -30.65
CA GLY B 61 21.32 -11.54 -30.93
C GLY B 61 20.73 -10.26 -30.35
N SER B 62 19.45 -10.29 -29.92
CA SER B 62 18.78 -9.14 -29.29
C SER B 62 19.53 -8.86 -27.99
N ALA B 63 19.86 -7.59 -27.75
CA ALA B 63 20.70 -7.22 -26.61
C ALA B 63 20.49 -5.75 -26.21
N TYR B 64 21.00 -5.33 -25.04
CA TYR B 64 20.98 -3.94 -24.65
C TYR B 64 21.96 -3.20 -25.59
N GLY B 65 21.72 -1.93 -25.77
CA GLY B 65 22.56 -1.07 -26.58
C GLY B 65 23.04 0.08 -25.75
N GLY B 66 23.82 0.94 -26.38
CA GLY B 66 24.35 2.15 -25.75
C GLY B 66 25.12 1.87 -24.48
N VAL B 67 24.84 2.63 -23.43
CA VAL B 67 25.49 2.53 -22.13
C VAL B 67 25.13 1.25 -21.37
N LEU B 68 24.09 0.51 -21.80
CA LEU B 68 23.74 -0.76 -21.16
C LEU B 68 24.27 -1.99 -21.90
N SER B 69 25.03 -1.83 -23.01
CA SER B 69 25.47 -2.96 -23.84
C SER B 69 26.31 -4.01 -23.14
N SER B 70 27.02 -3.66 -22.05
CA SER B 70 27.86 -4.64 -21.34
C SER B 70 27.10 -5.43 -20.26
N PHE B 71 25.82 -5.12 -20.02
CA PHE B 71 25.04 -5.80 -18.99
C PHE B 71 24.28 -7.01 -19.53
N SER B 72 24.27 -8.08 -18.75
CA SER B 72 23.47 -9.25 -19.08
C SER B 72 22.19 -9.19 -18.21
N GLY B 73 21.19 -9.97 -18.58
CA GLY B 73 19.95 -10.02 -17.83
C GLY B 73 19.03 -11.07 -18.38
N THR B 74 17.75 -10.79 -18.35
CA THR B 74 16.74 -11.69 -18.89
C THR B 74 15.70 -10.87 -19.67
N VAL B 75 14.95 -11.55 -20.52
CA VAL B 75 13.84 -10.94 -21.22
C VAL B 75 12.64 -11.82 -20.89
N LYS B 76 11.54 -11.20 -20.46
CA LYS B 76 10.31 -11.93 -20.23
C LYS B 76 9.50 -11.74 -21.53
N TYR B 77 9.33 -12.81 -22.31
CA TYR B 77 8.66 -12.80 -23.60
C TYR B 77 7.47 -13.72 -23.50
N SER B 78 6.27 -13.15 -23.52
CA SER B 78 5.01 -13.87 -23.47
C SER B 78 4.91 -14.80 -22.23
N GLY B 79 5.27 -14.26 -21.06
CA GLY B 79 5.21 -14.99 -19.80
C GLY B 79 6.42 -15.83 -19.42
N SER B 80 7.31 -16.13 -20.38
CA SER B 80 8.49 -16.94 -20.11
C SER B 80 9.74 -16.10 -20.04
N SER B 81 10.66 -16.47 -19.13
CA SER B 81 11.89 -15.72 -18.93
C SER B 81 13.06 -16.43 -19.67
N TYR B 82 13.86 -15.66 -20.40
CA TYR B 82 14.99 -16.22 -21.15
C TYR B 82 16.26 -15.39 -20.90
N PRO B 83 17.46 -15.96 -21.12
CA PRO B 83 18.68 -15.15 -21.04
C PRO B 83 18.64 -14.02 -22.07
N PHE B 84 19.17 -12.84 -21.68
CA PHE B 84 19.29 -11.67 -22.53
C PHE B 84 20.75 -11.19 -22.36
N PRO B 85 21.58 -11.03 -23.41
CA PRO B 85 21.25 -11.16 -24.83
C PRO B 85 20.71 -12.52 -25.21
N THR B 86 19.78 -12.53 -26.15
CA THR B 86 19.13 -13.77 -26.53
C THR B 86 20.06 -14.69 -27.32
N THR B 87 20.05 -15.97 -26.97
CA THR B 87 20.88 -16.96 -27.68
C THR B 87 20.05 -18.00 -28.48
N SER B 88 18.73 -17.98 -28.30
CA SER B 88 17.80 -18.85 -29.00
C SER B 88 16.59 -18.02 -29.45
N GLU B 89 15.97 -18.39 -30.56
CA GLU B 89 14.77 -17.70 -31.01
C GLU B 89 13.64 -18.06 -30.02
N THR B 90 12.82 -17.09 -29.64
CA THR B 90 11.74 -17.31 -28.69
C THR B 90 10.52 -17.94 -29.39
N PRO B 91 9.50 -18.41 -28.63
CA PRO B 91 8.26 -18.87 -29.27
C PRO B 91 7.50 -17.73 -29.95
N ARG B 92 6.54 -18.05 -30.82
CA ARG B 92 5.79 -17.04 -31.55
C ARG B 92 4.69 -16.38 -30.73
N VAL B 93 4.43 -15.11 -31.00
CA VAL B 93 3.29 -14.38 -30.45
C VAL B 93 2.36 -14.24 -31.67
N VAL B 94 1.12 -14.67 -31.53
CA VAL B 94 0.15 -14.64 -32.63
C VAL B 94 -0.64 -13.33 -32.67
N TYR B 95 -0.82 -12.74 -33.85
CA TYR B 95 -1.62 -11.54 -34.03
C TYR B 95 -2.73 -11.90 -35.02
N ASN B 96 -3.92 -12.16 -34.48
CA ASN B 96 -5.07 -12.60 -35.28
C ASN B 96 -6.30 -11.71 -35.09
N SER B 97 -6.10 -10.43 -34.73
CA SER B 97 -7.22 -9.54 -34.48
C SER B 97 -6.86 -8.08 -34.72
N ARG B 98 -7.85 -7.23 -35.04
CA ARG B 98 -7.63 -5.80 -35.22
C ARG B 98 -7.56 -5.04 -33.88
N THR B 99 -7.91 -5.70 -32.76
CA THR B 99 -7.87 -5.05 -31.46
C THR B 99 -6.43 -5.05 -30.94
N ASP B 100 -5.95 -3.86 -30.54
CA ASP B 100 -4.59 -3.71 -30.03
C ASP B 100 -4.32 -4.57 -28.83
N LYS B 101 -3.16 -5.21 -28.86
CA LYS B 101 -2.67 -6.13 -27.84
C LYS B 101 -1.25 -5.69 -27.47
N PRO B 102 -0.87 -5.68 -26.19
CA PRO B 102 0.51 -5.32 -25.85
C PRO B 102 1.54 -6.28 -26.47
N TRP B 103 2.74 -5.77 -26.79
CA TRP B 103 3.82 -6.63 -27.23
C TRP B 103 4.37 -7.17 -25.89
N PRO B 104 4.18 -8.47 -25.59
CA PRO B 104 4.45 -8.96 -24.22
C PRO B 104 5.92 -9.16 -23.89
N VAL B 105 6.64 -8.06 -23.73
CA VAL B 105 8.09 -8.08 -23.54
C VAL B 105 8.54 -7.18 -22.39
N ALA B 106 9.37 -7.69 -21.48
CA ALA B 106 9.97 -6.85 -20.43
C ALA B 106 11.46 -7.19 -20.34
N LEU B 107 12.31 -6.18 -20.26
CA LEU B 107 13.75 -6.37 -20.22
C LEU B 107 14.27 -6.17 -18.78
N TYR B 108 15.06 -7.14 -18.31
CA TYR B 108 15.62 -7.16 -16.97
C TYR B 108 17.14 -7.19 -17.01
N LEU B 109 17.76 -6.74 -15.93
CA LEU B 109 19.19 -6.65 -15.82
C LEU B 109 19.63 -7.47 -14.61
N THR B 110 20.73 -8.21 -14.73
CA THR B 110 21.26 -8.99 -13.61
C THR B 110 22.11 -8.08 -12.70
N PRO B 111 21.72 -7.98 -11.42
CA PRO B 111 22.47 -7.12 -10.50
C PRO B 111 23.94 -7.49 -10.36
N VAL B 112 24.82 -6.47 -10.46
CA VAL B 112 26.28 -6.62 -10.32
C VAL B 112 26.88 -5.73 -9.20
N SER B 113 26.14 -4.73 -8.73
CA SER B 113 26.62 -3.81 -7.69
C SER B 113 25.73 -3.87 -6.42
N SER B 114 25.95 -2.95 -5.45
CA SER B 114 25.10 -2.87 -4.26
C SER B 114 23.95 -1.91 -4.51
N ALA B 115 24.23 -0.64 -4.80
CA ALA B 115 23.20 0.39 -5.07
C ALA B 115 23.59 1.27 -6.25
N GLY B 116 24.31 0.68 -7.21
CA GLY B 116 24.79 1.38 -8.39
C GLY B 116 23.68 1.76 -9.34
N GLY B 117 23.97 2.71 -10.19
CA GLY B 117 23.02 3.20 -11.17
C GLY B 117 23.68 3.71 -12.43
N VAL B 118 23.01 3.51 -13.56
CA VAL B 118 23.50 3.97 -14.85
C VAL B 118 22.48 4.99 -15.37
N ALA B 119 22.90 6.24 -15.57
CA ALA B 119 22.01 7.28 -16.07
C ALA B 119 21.73 7.12 -17.55
N ILE B 120 20.44 7.22 -17.91
CA ILE B 120 19.97 7.16 -19.29
C ILE B 120 19.22 8.45 -19.60
N LYS B 121 19.79 9.33 -20.44
CA LYS B 121 19.12 10.58 -20.85
C LYS B 121 18.04 10.27 -21.88
N ALA B 122 17.01 11.12 -21.98
CA ALA B 122 15.96 10.99 -23.02
C ALA B 122 16.66 11.12 -24.39
N GLY B 123 16.30 10.27 -25.34
CA GLY B 123 16.93 10.24 -26.63
C GLY B 123 18.04 9.22 -26.80
N SER B 124 18.41 8.52 -25.71
CA SER B 124 19.47 7.53 -25.80
C SER B 124 18.97 6.11 -26.07
N LEU B 125 19.80 5.33 -26.75
CA LEU B 125 19.47 3.96 -27.10
C LEU B 125 19.63 3.08 -25.88
N ILE B 126 18.66 2.18 -25.64
CA ILE B 126 18.75 1.24 -24.55
C ILE B 126 18.80 -0.21 -25.03
N ALA B 127 18.19 -0.55 -26.19
CA ALA B 127 18.23 -1.94 -26.68
C ALA B 127 18.07 -2.03 -28.18
N VAL B 128 18.64 -3.10 -28.77
CA VAL B 128 18.50 -3.35 -30.20
C VAL B 128 17.87 -4.74 -30.28
N LEU B 129 16.57 -4.77 -30.59
CA LEU B 129 15.81 -6.01 -30.62
C LEU B 129 15.60 -6.46 -32.05
N ILE B 130 15.88 -7.73 -32.33
CA ILE B 130 15.72 -8.28 -33.65
C ILE B 130 14.43 -9.10 -33.64
N LEU B 131 13.52 -8.78 -34.55
CA LEU B 131 12.23 -9.47 -34.64
C LEU B 131 12.16 -10.25 -35.95
N ARG B 132 11.37 -11.31 -35.96
CA ARG B 132 11.18 -12.10 -37.18
C ARG B 132 9.69 -12.35 -37.33
N GLN B 133 9.12 -11.92 -38.46
CA GLN B 133 7.71 -12.02 -38.75
C GLN B 133 7.44 -13.10 -39.80
N THR B 134 6.53 -14.02 -39.48
CA THR B 134 6.09 -15.11 -40.36
C THR B 134 4.53 -15.09 -40.43
N ASN B 135 3.95 -15.98 -41.22
CA ASN B 135 2.50 -16.08 -41.34
C ASN B 135 2.05 -17.53 -41.54
N ASN B 136 0.74 -17.77 -41.58
CA ASN B 136 0.19 -19.11 -41.73
C ASN B 136 -0.17 -19.49 -43.18
N TYR B 137 -0.06 -18.56 -44.13
CA TYR B 137 -0.47 -18.76 -45.52
C TYR B 137 0.69 -19.05 -46.50
N ASN B 138 1.70 -18.17 -46.56
CA ASN B 138 2.84 -18.35 -47.47
C ASN B 138 4.19 -18.49 -46.72
N SER B 139 5.31 -18.58 -47.47
CA SER B 139 6.63 -18.76 -46.87
C SER B 139 7.39 -17.45 -46.59
N ASP B 140 6.70 -16.29 -46.69
CA ASP B 140 7.32 -14.99 -46.44
C ASP B 140 7.78 -14.91 -44.99
N ASP B 141 9.02 -14.46 -44.81
CA ASP B 141 9.76 -14.40 -43.56
C ASP B 141 10.56 -13.07 -43.52
N PHE B 142 10.15 -12.08 -42.68
CA PHE B 142 10.83 -10.79 -42.64
C PHE B 142 11.53 -10.56 -41.30
N GLN B 143 12.84 -10.29 -41.34
CA GLN B 143 13.61 -10.02 -40.14
C GLN B 143 13.95 -8.53 -40.10
N PHE B 144 13.59 -7.88 -38.99
CA PHE B 144 13.79 -6.44 -38.85
C PHE B 144 14.25 -6.08 -37.44
N VAL B 145 14.68 -4.83 -37.25
CA VAL B 145 15.22 -4.39 -35.98
C VAL B 145 14.41 -3.24 -35.41
N TRP B 146 14.18 -3.30 -34.10
CA TRP B 146 13.57 -2.21 -33.34
C TRP B 146 14.64 -1.70 -32.40
N ASN B 147 15.04 -0.44 -32.59
CA ASN B 147 16.01 0.21 -31.72
C ASN B 147 15.18 0.91 -30.69
N ILE B 148 15.26 0.46 -29.43
CA ILE B 148 14.48 1.00 -28.33
C ILE B 148 15.21 2.15 -27.71
N TYR B 149 14.56 3.32 -27.68
CA TYR B 149 15.11 4.57 -27.17
C TYR B 149 14.32 5.06 -25.98
N ALA B 150 15.01 5.69 -25.05
CA ALA B 150 14.38 6.26 -23.89
C ALA B 150 13.72 7.59 -24.25
N ASN B 151 12.47 7.77 -23.82
CA ASN B 151 11.71 9.01 -23.94
C ASN B 151 12.02 9.93 -22.75
N ASN B 152 12.43 9.34 -21.60
CA ASN B 152 12.63 10.05 -20.36
C ASN B 152 14.00 9.82 -19.72
N ASP B 153 14.38 10.77 -18.85
CA ASP B 153 15.61 10.70 -18.10
C ASP B 153 15.35 9.73 -16.95
N VAL B 154 16.09 8.63 -16.89
CA VAL B 154 15.95 7.64 -15.82
C VAL B 154 17.36 7.24 -15.32
N VAL B 155 17.41 6.53 -14.18
CA VAL B 155 18.61 5.90 -13.71
C VAL B 155 18.26 4.42 -13.61
N VAL B 156 19.00 3.58 -14.31
CA VAL B 156 18.75 2.15 -14.27
C VAL B 156 19.59 1.58 -13.13
N PRO B 157 18.93 1.00 -12.10
CA PRO B 157 19.69 0.43 -10.99
C PRO B 157 20.46 -0.82 -11.41
N THR B 158 21.72 -0.93 -11.00
CA THR B 158 22.55 -2.09 -11.33
C THR B 158 22.84 -2.99 -10.12
N GLY B 159 22.16 -2.78 -8.99
CA GLY B 159 22.40 -3.58 -7.80
C GLY B 159 21.15 -4.11 -7.15
N GLY B 160 21.26 -4.50 -5.87
CA GLY B 160 20.12 -5.02 -5.14
C GLY B 160 19.39 -3.96 -4.33
N CYS B 161 19.95 -2.74 -4.27
CA CYS B 161 19.40 -1.66 -3.46
C CYS B 161 19.24 -0.36 -4.29
N ASP B 162 18.33 0.49 -3.87
CA ASP B 162 18.12 1.79 -4.52
C ASP B 162 18.00 2.92 -3.51
N VAL B 163 18.33 4.15 -3.96
CA VAL B 163 18.38 5.34 -3.10
C VAL B 163 17.29 6.34 -3.36
N SER B 164 16.98 7.17 -2.35
CA SER B 164 15.95 8.17 -2.48
C SER B 164 16.34 9.28 -3.47
N ALA B 165 17.63 9.52 -3.69
CA ALA B 165 18.09 10.53 -4.66
C ALA B 165 19.53 10.22 -5.03
N ARG B 166 19.91 10.53 -6.25
CA ARG B 166 21.29 10.32 -6.72
C ARG B 166 22.15 11.56 -6.52
N ASP B 167 21.53 12.73 -6.36
CA ASP B 167 22.20 14.01 -6.20
C ASP B 167 21.36 14.83 -5.23
N VAL B 168 21.97 15.35 -4.16
CA VAL B 168 21.26 16.12 -3.14
C VAL B 168 22.11 17.32 -2.79
N THR B 169 21.52 18.50 -2.70
CA THR B 169 22.21 19.70 -2.28
C THR B 169 21.58 20.17 -0.98
N VAL B 170 22.39 20.47 0.04
CA VAL B 170 21.88 20.99 1.30
C VAL B 170 22.54 22.34 1.59
N THR B 171 21.83 23.18 2.34
CA THR B 171 22.34 24.50 2.70
C THR B 171 22.48 24.57 4.22
N LEU B 172 23.69 24.71 4.69
CA LEU B 172 23.96 24.85 6.12
C LEU B 172 23.45 26.22 6.56
N PRO B 173 23.03 26.37 7.84
CA PRO B 173 22.80 27.73 8.35
C PRO B 173 24.17 28.45 8.37
N ASP B 174 24.21 29.77 8.56
CA ASP B 174 25.48 30.50 8.65
C ASP B 174 26.34 29.94 9.77
N TYR B 175 27.67 29.88 9.55
CA TYR B 175 28.61 29.35 10.51
C TYR B 175 28.45 29.92 11.93
N PRO B 176 28.45 29.06 12.97
CA PRO B 176 28.45 27.60 12.92
C PRO B 176 27.01 27.04 12.88
N GLY B 177 26.88 25.80 12.47
CA GLY B 177 25.56 25.19 12.38
C GLY B 177 25.54 23.88 11.63
N SER B 178 24.39 23.22 11.66
CA SER B 178 24.23 21.93 11.00
C SER B 178 22.91 21.83 10.23
N VAL B 179 22.81 20.87 9.31
CA VAL B 179 21.60 20.65 8.53
C VAL B 179 21.46 19.17 8.21
N PRO B 180 20.26 18.57 8.38
CA PRO B 180 20.11 17.15 8.00
C PRO B 180 20.26 16.96 6.50
N ILE B 181 20.73 15.79 6.08
CA ILE B 181 20.81 15.42 4.67
C ILE B 181 19.74 14.38 4.45
N PRO B 182 18.69 14.70 3.67
CA PRO B 182 17.61 13.71 3.48
C PRO B 182 18.06 12.65 2.48
N LEU B 183 18.35 11.43 2.94
CA LEU B 183 18.85 10.40 2.08
C LEU B 183 18.58 9.02 2.70
N THR B 184 17.81 8.20 2.01
CA THR B 184 17.45 6.86 2.45
C THR B 184 17.82 5.82 1.37
N VAL B 185 17.85 4.55 1.77
CA VAL B 185 18.14 3.44 0.88
C VAL B 185 17.20 2.27 1.25
N TYR B 186 16.86 1.46 0.26
CA TYR B 186 16.06 0.25 0.47
C TYR B 186 16.64 -0.83 -0.43
N CYS B 187 16.37 -2.11 -0.14
CA CYS B 187 16.86 -3.21 -0.97
C CYS B 187 15.67 -4.12 -1.33
N ALA B 188 15.71 -4.76 -2.51
CA ALA B 188 14.63 -5.64 -2.96
C ALA B 188 14.40 -6.80 -1.97
N LYS B 189 15.47 -7.26 -1.32
CA LYS B 189 15.42 -8.25 -0.23
C LYS B 189 16.42 -7.79 0.84
N SER B 190 16.35 -8.36 2.04
CA SER B 190 17.27 -7.98 3.12
C SER B 190 18.75 -8.13 2.73
N GLN B 191 19.52 -7.05 2.88
CA GLN B 191 20.95 -7.06 2.60
C GLN B 191 21.67 -6.48 3.82
N ASN B 192 22.88 -6.99 4.13
CA ASN B 192 23.68 -6.42 5.22
C ASN B 192 24.43 -5.32 4.53
N LEU B 193 23.87 -4.12 4.56
CA LEU B 193 24.35 -3.02 3.77
C LEU B 193 25.13 -1.99 4.59
N GLY B 194 26.14 -1.43 3.97
CA GLY B 194 26.97 -0.36 4.51
C GLY B 194 27.20 0.70 3.46
N TYR B 195 27.91 1.78 3.85
CA TYR B 195 28.28 2.82 2.90
C TYR B 195 29.52 3.53 3.38
N TYR B 196 30.22 4.18 2.47
CA TYR B 196 31.37 5.02 2.84
C TYR B 196 31.33 6.34 2.06
N LEU B 197 32.00 7.35 2.62
CA LEU B 197 32.11 8.67 2.02
C LEU B 197 33.41 8.82 1.26
N SER B 198 33.38 9.62 0.20
CA SER B 198 34.58 9.90 -0.56
C SER B 198 34.59 11.34 -1.01
N GLY B 199 35.80 11.85 -1.20
CA GLY B 199 36.00 13.23 -1.61
C GLY B 199 37.40 13.69 -1.28
N THR B 200 37.60 14.98 -1.09
CA THR B 200 38.90 15.51 -0.76
C THR B 200 38.84 16.05 0.66
N THR B 201 39.71 15.56 1.54
CA THR B 201 39.73 16.04 2.92
C THR B 201 40.95 16.92 3.18
N ALA B 202 40.83 17.79 4.16
CA ALA B 202 41.88 18.74 4.50
C ALA B 202 42.67 18.34 5.75
N ASP B 203 42.09 17.50 6.63
CA ASP B 203 42.69 17.24 7.92
C ASP B 203 43.43 15.92 8.03
N ALA B 204 44.31 15.82 9.05
CA ALA B 204 45.00 14.57 9.38
C ALA B 204 43.96 13.46 9.72
N GLY B 205 42.84 13.83 10.33
CA GLY B 205 41.78 12.87 10.67
C GLY B 205 40.96 12.33 9.51
N ASN B 206 41.14 12.87 8.28
CA ASN B 206 40.41 12.44 7.07
C ASN B 206 38.90 12.49 7.29
N SER B 207 38.41 13.52 7.96
CA SER B 207 36.98 13.65 8.29
C SER B 207 36.40 15.05 7.95
N ILE B 208 37.20 15.98 7.47
CA ILE B 208 36.76 17.31 7.11
C ILE B 208 37.00 17.47 5.65
N PHE B 209 35.93 17.62 4.87
CA PHE B 209 36.04 17.80 3.44
C PHE B 209 36.43 19.24 3.16
N THR B 210 37.43 19.41 2.29
CA THR B 210 37.97 20.71 1.92
C THR B 210 36.90 21.63 1.34
N ASN B 211 37.03 22.92 1.61
CA ASN B 211 36.19 23.93 1.05
C ASN B 211 36.69 24.21 -0.36
N THR B 212 35.91 23.80 -1.36
CA THR B 212 36.23 24.03 -2.76
C THR B 212 35.40 25.12 -3.40
N ALA B 213 34.72 26.00 -2.62
CA ALA B 213 33.99 27.15 -3.20
C ALA B 213 34.98 28.04 -3.97
N SER B 214 34.64 28.44 -5.20
CA SER B 214 35.53 29.19 -6.07
C SER B 214 35.41 30.69 -5.93
N PHE B 215 34.25 31.19 -5.49
CA PHE B 215 34.07 32.63 -5.39
C PHE B 215 33.94 33.09 -3.95
N SER B 216 34.76 34.10 -3.56
CA SER B 216 34.84 34.71 -2.23
C SER B 216 34.70 33.67 -1.10
N PRO B 217 35.50 32.59 -1.09
CA PRO B 217 35.32 31.57 -0.06
C PRO B 217 35.92 31.95 1.27
N ALA B 218 35.45 31.23 2.29
CA ALA B 218 35.95 31.33 3.64
C ALA B 218 37.36 30.68 3.65
N GLN B 219 38.10 30.89 4.71
CA GLN B 219 39.35 30.20 4.96
C GLN B 219 39.22 29.54 6.35
N GLY B 220 39.98 28.49 6.59
CA GLY B 220 40.02 27.82 7.89
C GLY B 220 38.87 26.90 8.22
N VAL B 221 38.01 26.58 7.24
CA VAL B 221 36.85 25.74 7.53
C VAL B 221 36.55 24.75 6.38
N GLY B 222 35.96 23.62 6.74
CA GLY B 222 35.52 22.61 5.80
C GLY B 222 34.18 22.04 6.22
N VAL B 223 33.75 20.95 5.58
CA VAL B 223 32.46 20.34 5.88
C VAL B 223 32.68 18.97 6.51
N GLN B 224 31.96 18.66 7.57
CA GLN B 224 32.10 17.38 8.26
C GLN B 224 30.74 16.75 8.40
N LEU B 225 30.61 15.46 8.04
CA LEU B 225 29.36 14.75 8.16
C LEU B 225 29.29 13.98 9.48
N THR B 226 28.12 13.99 10.09
CA THR B 226 27.88 13.30 11.35
C THR B 226 26.62 12.44 11.29
N ARG B 227 26.53 11.48 12.20
CA ARG B 227 25.39 10.61 12.35
C ARG B 227 25.07 10.68 13.83
N GLN B 228 24.10 11.54 14.22
CA GLN B 228 23.72 11.82 15.61
C GLN B 228 24.94 12.29 16.42
N GLY B 229 25.70 13.22 15.87
CA GLY B 229 26.88 13.78 16.52
C GLY B 229 28.15 12.98 16.35
N THR B 230 28.04 11.70 16.01
CA THR B 230 29.23 10.87 15.77
C THR B 230 29.84 11.29 14.43
N ILE B 231 31.18 11.45 14.36
CA ILE B 231 31.84 11.91 13.15
C ILE B 231 32.15 10.81 12.15
N ILE B 232 31.79 11.01 10.89
CA ILE B 232 32.03 10.01 9.85
C ILE B 232 33.25 10.41 8.99
N PRO B 233 34.39 9.74 9.17
CA PRO B 233 35.53 10.02 8.30
C PRO B 233 35.31 9.42 6.89
N ALA B 234 36.07 9.94 5.93
CA ALA B 234 36.02 9.43 4.57
C ALA B 234 36.63 8.03 4.53
N ASN B 235 36.23 7.23 3.53
CA ASN B 235 36.76 5.89 3.30
C ASN B 235 36.62 4.94 4.51
N ASN B 236 35.48 5.00 5.18
CA ASN B 236 35.27 4.21 6.38
C ASN B 236 33.83 3.73 6.34
N THR B 237 33.65 2.43 6.11
CA THR B 237 32.33 1.87 6.00
C THR B 237 31.51 2.01 7.28
N VAL B 238 30.32 2.57 7.14
CA VAL B 238 29.33 2.74 8.19
C VAL B 238 28.27 1.68 7.93
N SER B 239 28.04 0.79 8.86
CA SER B 239 27.04 -0.26 8.70
C SER B 239 25.64 0.28 8.96
N LEU B 240 24.70 -0.08 8.10
CA LEU B 240 23.30 0.26 8.29
C LEU B 240 22.48 -0.94 8.85
N GLY B 241 23.14 -2.06 9.12
CA GLY B 241 22.48 -3.29 9.57
C GLY B 241 21.82 -3.95 8.38
N ALA B 242 20.74 -4.70 8.65
CA ALA B 242 19.99 -5.35 7.61
C ALA B 242 19.01 -4.34 7.00
N VAL B 243 19.09 -4.13 5.71
CA VAL B 243 18.22 -3.19 5.00
C VAL B 243 17.35 -3.98 4.04
N GLY B 244 16.04 -3.93 4.25
CA GLY B 244 15.09 -4.62 3.40
C GLY B 244 14.27 -3.68 2.55
N THR B 245 13.04 -4.06 2.25
CA THR B 245 12.14 -3.30 1.37
C THR B 245 11.73 -1.95 1.95
N SER B 246 11.74 -1.81 3.28
CA SER B 246 11.39 -0.52 3.90
C SER B 246 12.63 0.36 3.92
N ALA B 247 12.49 1.61 3.45
CA ALA B 247 13.58 2.58 3.39
C ALA B 247 14.22 2.81 4.75
N VAL B 248 15.55 2.90 4.76
CA VAL B 248 16.34 3.14 5.95
C VAL B 248 17.15 4.43 5.72
N SER B 249 17.04 5.38 6.63
CA SER B 249 17.77 6.62 6.53
C SER B 249 19.24 6.40 6.84
N LEU B 250 20.12 7.05 6.09
CA LEU B 250 21.56 6.98 6.38
C LEU B 250 21.86 7.79 7.67
N GLY B 251 20.95 8.67 8.11
CA GLY B 251 21.06 9.47 9.31
C GLY B 251 22.13 10.52 9.27
N LEU B 252 22.46 11.01 8.07
CA LEU B 252 23.52 11.98 7.89
C LEU B 252 23.12 13.43 8.12
N THR B 253 24.04 14.20 8.70
CA THR B 253 23.91 15.63 8.97
C THR B 253 25.21 16.31 8.50
N ALA B 254 25.09 17.49 7.86
CA ALA B 254 26.27 18.26 7.45
C ALA B 254 26.56 19.31 8.53
N ASN B 255 27.82 19.64 8.71
CA ASN B 255 28.29 20.60 9.73
C ASN B 255 29.53 21.30 9.17
N TYR B 256 29.94 22.41 9.80
CA TYR B 256 31.24 23.02 9.48
C TYR B 256 32.25 22.43 10.47
N ALA B 257 33.53 22.40 10.11
CA ALA B 257 34.58 21.96 11.02
C ALA B 257 35.87 22.72 10.71
N ARG B 258 36.58 23.15 11.73
CA ARG B 258 37.78 23.95 11.58
C ARG B 258 38.98 23.14 11.11
N THR B 259 39.76 23.70 10.18
CA THR B 259 40.95 23.06 9.66
C THR B 259 42.26 23.67 10.20
N GLY B 260 42.18 24.80 10.90
CA GLY B 260 43.35 25.47 11.46
C GLY B 260 43.29 26.96 11.16
N GLY B 261 43.68 27.73 12.15
CA GLY B 261 43.68 29.19 12.03
C GLY B 261 42.30 29.78 12.14
N GLN B 262 42.22 31.08 11.95
CA GLN B 262 40.98 31.81 12.02
C GLN B 262 40.02 31.41 10.91
N VAL B 263 38.74 31.27 11.23
CA VAL B 263 37.70 31.01 10.25
C VAL B 263 37.29 32.39 9.72
N THR B 264 37.53 32.65 8.44
CA THR B 264 37.23 33.96 7.86
C THR B 264 35.96 33.95 7.01
N ALA B 265 35.33 35.11 6.82
CA ALA B 265 34.09 35.27 6.07
C ALA B 265 34.14 34.76 4.64
N GLY B 266 33.03 34.22 4.18
CA GLY B 266 32.91 33.76 2.81
C GLY B 266 32.14 32.49 2.60
N ASN B 267 32.07 32.06 1.33
CA ASN B 267 31.38 30.87 0.91
C ASN B 267 32.10 29.58 1.26
N VAL B 268 31.31 28.54 1.52
CA VAL B 268 31.81 27.21 1.82
C VAL B 268 31.10 26.24 0.90
N GLN B 269 31.84 25.35 0.25
CA GLN B 269 31.25 24.30 -0.55
C GLN B 269 32.10 23.02 -0.50
N SER B 270 31.47 21.87 -0.33
CA SER B 270 32.12 20.57 -0.38
C SER B 270 31.22 19.60 -1.14
N ILE B 271 31.80 18.83 -2.06
CA ILE B 271 31.09 17.82 -2.86
C ILE B 271 31.55 16.46 -2.32
N ILE B 272 30.62 15.69 -1.73
CA ILE B 272 30.93 14.41 -1.09
C ILE B 272 30.18 13.25 -1.74
N GLY B 273 30.89 12.19 -2.07
CA GLY B 273 30.26 11.00 -2.61
C GLY B 273 29.88 9.99 -1.54
N VAL B 274 28.83 9.21 -1.81
CA VAL B 274 28.38 8.12 -0.95
C VAL B 274 28.37 6.86 -1.82
N THR B 275 29.03 5.79 -1.39
CA THR B 275 29.04 4.52 -2.13
C THR B 275 28.54 3.44 -1.20
N PHE B 276 27.64 2.59 -1.66
CA PHE B 276 27.13 1.49 -0.85
C PHE B 276 27.87 0.19 -1.12
N VAL B 277 28.06 -0.61 -0.07
N VAL B 277 28.07 -0.62 -0.06
CA VAL B 277 28.75 -1.91 -0.13
CA VAL B 277 28.75 -1.92 -0.14
C VAL B 277 28.00 -2.95 0.71
C VAL B 277 27.98 -2.95 0.69
N TYR B 278 28.02 -4.21 0.27
CA TYR B 278 27.42 -5.29 1.04
C TYR B 278 28.50 -5.70 2.07
N GLN B 279 28.10 -6.29 3.20
CA GLN B 279 29.06 -6.70 4.24
C GLN B 279 30.07 -7.72 3.67
N GLY B 280 31.34 -7.40 3.77
CA GLY B 280 32.39 -8.24 3.21
C GLY B 280 32.58 -8.13 1.71
N GLY B 281 31.94 -7.13 1.10
CA GLY B 281 32.02 -6.89 -0.34
C GLY B 281 33.01 -5.81 -0.70
N SER B 282 33.49 -5.85 -1.95
CA SER B 282 34.49 -4.88 -2.39
C SER B 282 33.87 -3.52 -2.73
N SER B 283 34.71 -2.49 -2.62
CA SER B 283 34.37 -1.09 -2.82
C SER B 283 34.49 -0.71 -4.31
N GLY B 284 33.80 -1.44 -5.18
CA GLY B 284 33.86 -1.21 -6.62
C GLY B 284 33.05 -0.01 -7.07
N GLY B 285 33.39 0.53 -8.25
CA GLY B 285 32.69 1.66 -8.86
C GLY B 285 32.82 2.99 -8.14
N GLY B 286 32.26 4.03 -8.77
CA GLY B 286 32.29 5.37 -8.21
C GLY B 286 31.15 5.61 -7.23
N ALA B 287 30.92 6.88 -6.88
CA ALA B 287 29.87 7.23 -5.95
C ALA B 287 28.47 6.91 -6.48
N ASP B 288 27.60 6.44 -5.61
CA ASP B 288 26.20 6.18 -5.92
C ASP B 288 25.32 7.43 -5.73
N VAL B 289 25.71 8.32 -4.78
CA VAL B 289 25.02 9.54 -4.46
C VAL B 289 26.06 10.66 -4.33
N THR B 290 25.79 11.84 -4.89
CA THR B 290 26.65 13.01 -4.73
C THR B 290 25.92 14.07 -3.89
N ILE B 291 26.53 14.43 -2.76
CA ILE B 291 25.99 15.43 -1.86
C ILE B 291 26.79 16.72 -2.01
N THR B 292 26.09 17.83 -2.27
CA THR B 292 26.74 19.14 -2.35
C THR B 292 26.32 19.89 -1.11
N VAL B 293 27.29 20.28 -0.29
CA VAL B 293 26.99 21.03 0.91
C VAL B 293 27.42 22.46 0.72
N ASN B 294 26.48 23.39 0.85
CA ASN B 294 26.78 24.81 0.73
C ASN B 294 26.64 25.45 2.08
N GLY B 295 27.53 26.40 2.37
CA GLY B 295 27.50 27.14 3.61
C GLY B 295 28.12 28.52 3.47
N LYS B 296 28.13 29.28 4.54
CA LYS B 296 28.67 30.63 4.51
C LYS B 296 29.11 31.07 5.89
N VAL B 297 30.29 31.70 5.97
CA VAL B 297 30.77 32.31 7.19
C VAL B 297 30.48 33.82 7.05
N VAL B 298 29.69 34.39 7.95
CA VAL B 298 29.37 35.82 7.89
C VAL B 298 30.13 36.58 8.97
N ALA B 299 30.75 37.70 8.60
CA ALA B 299 31.52 38.51 9.57
C ALA B 299 30.62 39.14 10.62
N LYS B 300 31.06 39.13 11.87
CA LYS B 300 30.32 39.69 13.00
C LYS B 300 30.63 41.19 13.15
N PHE C 1 2.88 22.08 -22.98
CA PHE C 1 2.69 21.71 -21.58
C PHE C 1 1.42 22.40 -21.09
N ALA C 2 0.32 21.64 -21.00
CA ALA C 2 -0.96 22.19 -20.57
C ALA C 2 -1.45 21.38 -19.39
N CYS C 3 -1.81 22.05 -18.29
CA CYS C 3 -2.23 21.35 -17.09
C CYS C 3 -3.62 21.69 -16.62
N LYS C 4 -4.18 20.81 -15.82
CA LYS C 4 -5.49 20.95 -15.23
C LYS C 4 -5.51 20.28 -13.86
N THR C 5 -6.47 20.67 -13.01
CA THR C 5 -6.60 20.06 -11.70
C THR C 5 -7.52 18.83 -11.76
N ALA C 6 -7.59 18.05 -10.67
CA ALA C 6 -8.43 16.85 -10.61
C ALA C 6 -9.90 17.19 -10.87
N SER C 7 -10.35 18.39 -10.45
CA SER C 7 -11.71 18.86 -10.68
C SER C 7 -11.96 19.44 -12.09
N GLY C 8 -11.02 19.25 -13.01
CA GLY C 8 -11.16 19.72 -14.38
C GLY C 8 -10.76 21.16 -14.67
N THR C 9 -10.45 21.96 -13.62
CA THR C 9 -10.05 23.38 -13.79
C THR C 9 -8.70 23.53 -14.48
N ALA C 10 -8.66 24.25 -15.62
CA ALA C 10 -7.41 24.45 -16.33
C ALA C 10 -6.47 25.42 -15.61
N ILE C 11 -5.16 25.15 -15.68
CA ILE C 11 -4.16 26.02 -15.10
C ILE C 11 -3.67 26.87 -16.26
N PRO C 12 -3.72 28.21 -16.12
CA PRO C 12 -3.33 29.07 -17.26
C PRO C 12 -2.01 28.71 -17.94
N ILE C 13 -2.11 28.31 -19.22
CA ILE C 13 -0.98 27.89 -20.05
C ILE C 13 -0.10 29.09 -20.38
N GLY C 14 1.19 28.97 -20.11
CA GLY C 14 2.15 30.02 -20.45
C GLY C 14 2.14 31.24 -19.56
N ALA C 15 1.36 31.21 -18.47
CA ALA C 15 1.28 32.37 -17.57
C ALA C 15 2.52 32.40 -16.69
N ALA C 16 2.98 33.60 -16.32
CA ALA C 16 4.15 33.73 -15.44
C ALA C 16 3.82 33.36 -13.98
N SER C 17 2.53 33.53 -13.57
CA SER C 17 2.06 33.20 -12.24
C SER C 17 0.65 32.60 -12.32
N ALA C 18 0.36 31.59 -11.49
CA ALA C 18 -0.95 30.94 -11.43
C ALA C 18 -1.31 30.50 -10.02
N ASN C 19 -2.58 30.60 -9.65
CA ASN C 19 -3.07 30.17 -8.34
C ASN C 19 -3.78 28.83 -8.55
N VAL C 20 -3.24 27.76 -7.93
CA VAL C 20 -3.75 26.40 -8.10
C VAL C 20 -4.34 25.90 -6.78
N TYR C 21 -5.64 25.57 -6.73
CA TYR C 21 -6.30 25.11 -5.49
C TYR C 21 -6.33 23.60 -5.45
N VAL C 22 -5.77 23.01 -4.39
CA VAL C 22 -5.67 21.56 -4.30
C VAL C 22 -6.18 21.04 -2.96
N ASN C 23 -6.68 19.80 -2.96
CA ASN C 23 -7.13 19.17 -1.73
C ASN C 23 -5.95 18.45 -1.11
N LEU C 24 -5.80 18.55 0.19
CA LEU C 24 -4.74 17.84 0.86
C LEU C 24 -5.25 16.80 1.84
N ALA C 25 -4.51 15.71 1.94
CA ALA C 25 -4.81 14.60 2.82
C ALA C 25 -3.51 14.28 3.57
N PRO C 26 -3.17 15.10 4.57
CA PRO C 26 -1.90 14.91 5.26
C PRO C 26 -1.85 13.60 6.07
N ALA C 27 -0.64 13.04 6.23
CA ALA C 27 -0.47 11.80 6.97
C ALA C 27 0.94 11.66 7.52
N VAL C 28 1.06 10.98 8.67
CA VAL C 28 2.40 10.70 9.20
C VAL C 28 2.97 9.52 8.42
N ASN C 29 4.26 9.60 8.10
CA ASN C 29 5.01 8.50 7.49
C ASN C 29 6.35 8.40 8.25
N VAL C 30 7.10 7.31 8.07
CA VAL C 30 8.39 7.18 8.74
C VAL C 30 9.35 8.22 8.16
N GLY C 31 9.95 9.03 9.01
CA GLY C 31 10.91 10.05 8.59
C GLY C 31 10.42 11.29 7.86
N GLN C 32 9.25 11.29 7.20
CA GLN C 32 8.73 12.47 6.45
C GLN C 32 7.21 12.43 6.39
N ASN C 33 6.51 13.46 6.87
CA ASN C 33 5.04 13.47 6.85
C ASN C 33 4.49 14.08 5.58
N LEU C 34 3.51 13.42 4.96
CA LEU C 34 2.88 13.93 3.76
C LEU C 34 2.05 15.15 4.04
N VAL C 35 2.26 16.25 3.29
CA VAL C 35 1.46 17.44 3.42
C VAL C 35 0.42 17.41 2.30
N VAL C 36 0.87 17.25 1.05
CA VAL C 36 -0.01 17.19 -0.10
C VAL C 36 0.64 16.39 -1.21
N ASP C 37 -0.12 15.45 -1.77
CA ASP C 37 0.32 14.67 -2.91
C ASP C 37 -0.29 15.36 -4.12
N LEU C 38 0.50 16.17 -4.84
CA LEU C 38 0.02 16.88 -6.02
C LEU C 38 -0.15 15.98 -7.25
N SER C 39 0.33 14.73 -7.22
CA SER C 39 0.16 13.82 -8.36
C SER C 39 -1.30 13.38 -8.54
N THR C 40 -2.11 13.45 -7.50
CA THR C 40 -3.55 13.16 -7.60
C THR C 40 -4.37 14.45 -7.88
N GLN C 41 -3.71 15.63 -7.94
CA GLN C 41 -4.37 16.91 -8.08
C GLN C 41 -4.04 17.65 -9.36
N ILE C 42 -2.84 17.44 -9.94
CA ILE C 42 -2.43 18.17 -11.13
C ILE C 42 -2.07 17.19 -12.24
N PHE C 43 -2.67 17.37 -13.43
CA PHE C 43 -2.49 16.47 -14.58
C PHE C 43 -2.09 17.30 -15.77
N CYS C 44 -1.04 16.89 -16.46
CA CYS C 44 -0.48 17.63 -17.58
C CYS C 44 -0.33 16.77 -18.85
N HIS C 45 -0.33 17.44 -20.01
CA HIS C 45 -0.14 16.79 -21.30
C HIS C 45 0.55 17.76 -22.29
N ASN C 46 0.94 17.25 -23.46
CA ASN C 46 1.56 18.03 -24.52
C ASN C 46 0.53 18.09 -25.65
N ASP C 47 0.07 19.28 -26.02
CA ASP C 47 -0.93 19.42 -27.09
C ASP C 47 -0.39 19.19 -28.50
N TYR C 48 0.93 19.32 -28.69
CA TYR C 48 1.55 19.14 -30.01
C TYR C 48 2.79 18.23 -29.92
N PRO C 49 2.62 16.93 -29.57
CA PRO C 49 3.80 16.06 -29.41
C PRO C 49 4.60 15.76 -30.68
N GLU C 50 3.97 15.86 -31.87
CA GLU C 50 4.66 15.60 -33.13
C GLU C 50 5.63 16.72 -33.51
N THR C 51 5.36 17.95 -33.06
CA THR C 51 6.20 19.09 -33.39
C THR C 51 7.16 19.46 -32.22
N ILE C 52 6.83 19.10 -30.98
CA ILE C 52 7.67 19.46 -29.82
C ILE C 52 7.57 18.46 -28.66
N THR C 53 8.66 18.30 -27.90
CA THR C 53 8.67 17.47 -26.70
C THR C 53 8.94 18.42 -25.52
N ASP C 54 8.05 18.42 -24.52
CA ASP C 54 8.23 19.32 -23.37
C ASP C 54 8.96 18.67 -22.20
N TYR C 55 9.78 19.44 -21.50
CA TYR C 55 10.49 18.99 -20.31
C TYR C 55 10.22 20.00 -19.19
N VAL C 56 9.84 19.53 -18.01
CA VAL C 56 9.56 20.44 -16.89
C VAL C 56 10.36 20.04 -15.67
N THR C 57 11.00 21.03 -15.03
CA THR C 57 11.73 20.83 -13.78
C THR C 57 11.15 21.74 -12.68
N LEU C 58 11.41 21.39 -11.41
CA LEU C 58 11.09 22.19 -10.25
C LEU C 58 12.39 22.95 -9.95
N GLN C 59 12.31 24.26 -9.83
CA GLN C 59 13.48 25.11 -9.63
C GLN C 59 13.82 25.38 -8.18
N ARG C 60 15.12 25.64 -7.92
CA ARG C 60 15.64 25.98 -6.59
C ARG C 60 14.85 27.22 -6.05
N GLY C 61 14.58 27.28 -4.76
CA GLY C 61 13.82 28.40 -4.20
C GLY C 61 12.35 28.10 -4.02
N SER C 62 11.86 26.94 -4.52
CA SER C 62 10.49 26.46 -4.30
C SER C 62 10.37 26.15 -2.80
N ALA C 63 9.32 26.64 -2.17
CA ALA C 63 9.21 26.57 -0.71
C ALA C 63 7.75 26.61 -0.24
N TYR C 64 7.51 26.32 1.05
CA TYR C 64 6.19 26.47 1.64
C TYR C 64 5.92 27.96 1.85
N GLY C 65 4.66 28.26 1.94
CA GLY C 65 4.15 29.60 2.22
C GLY C 65 3.15 29.53 3.36
N GLY C 66 2.66 30.68 3.77
CA GLY C 66 1.68 30.75 4.86
C GLY C 66 2.19 30.19 6.17
N VAL C 67 1.32 29.50 6.90
CA VAL C 67 1.62 28.89 8.19
C VAL C 67 2.63 27.73 8.13
N LEU C 68 2.95 27.21 6.95
CA LEU C 68 3.95 26.14 6.79
C LEU C 68 5.35 26.68 6.41
N SER C 69 5.49 27.98 6.18
CA SER C 69 6.75 28.54 5.70
C SER C 69 7.98 28.38 6.63
N SER C 70 7.81 28.14 7.94
CA SER C 70 8.97 27.93 8.82
C SER C 70 9.42 26.44 8.92
N PHE C 71 8.64 25.52 8.32
CA PHE C 71 8.96 24.11 8.36
C PHE C 71 9.83 23.66 7.20
N SER C 72 10.80 22.80 7.48
CA SER C 72 11.60 22.20 6.45
C SER C 72 11.02 20.78 6.18
N GLY C 73 11.35 20.25 5.01
CA GLY C 73 10.86 18.96 4.62
C GLY C 73 11.54 18.49 3.38
N THR C 74 10.81 17.72 2.59
CA THR C 74 11.31 17.21 1.36
C THR C 74 10.21 17.33 0.28
N VAL C 75 10.62 17.24 -0.96
CA VAL C 75 9.70 17.19 -2.08
C VAL C 75 10.04 15.92 -2.83
N LYS C 76 9.04 15.08 -3.12
CA LYS C 76 9.26 13.87 -3.91
C LYS C 76 8.90 14.30 -5.34
N TYR C 77 9.91 14.35 -6.21
CA TYR C 77 9.76 14.78 -7.59
C TYR C 77 10.16 13.61 -8.47
N SER C 78 9.19 13.02 -9.16
CA SER C 78 9.42 11.92 -10.08
C SER C 78 10.17 10.74 -9.44
N GLY C 79 9.73 10.35 -8.26
CA GLY C 79 10.28 9.20 -7.57
C GLY C 79 11.44 9.45 -6.62
N SER C 80 12.07 10.62 -6.71
CA SER C 80 13.20 10.94 -5.86
C SER C 80 12.87 12.00 -4.84
N SER C 81 13.45 11.90 -3.65
CA SER C 81 13.20 12.86 -2.59
C SER C 81 14.34 13.87 -2.46
N TYR C 82 14.03 15.17 -2.40
CA TYR C 82 15.04 16.22 -2.28
C TYR C 82 14.71 17.17 -1.13
N PRO C 83 15.68 17.93 -0.59
CA PRO C 83 15.35 18.93 0.43
C PRO C 83 14.32 19.96 -0.07
N PHE C 84 13.43 20.40 0.80
CA PHE C 84 12.41 21.41 0.52
C PHE C 84 12.47 22.39 1.72
N PRO C 85 12.73 23.70 1.54
CA PRO C 85 12.85 24.44 0.26
C PRO C 85 13.92 23.89 -0.68
N THR C 86 13.65 23.89 -2.00
CA THR C 86 14.59 23.28 -2.94
C THR C 86 15.88 24.07 -3.06
N THR C 87 16.98 23.32 -3.19
CA THR C 87 18.35 23.82 -3.22
C THR C 87 19.03 23.69 -4.59
N SER C 88 18.42 22.97 -5.52
CA SER C 88 18.94 22.77 -6.87
C SER C 88 17.78 22.33 -7.75
N GLU C 89 17.94 22.50 -9.06
CA GLU C 89 16.92 22.12 -10.02
C GLU C 89 16.76 20.59 -10.06
N THR C 90 15.53 20.09 -10.00
CA THR C 90 15.29 18.65 -10.07
C THR C 90 15.55 18.12 -11.47
N PRO C 91 15.57 16.79 -11.69
CA PRO C 91 15.63 16.27 -13.06
C PRO C 91 14.34 16.60 -13.85
N ARG C 92 14.36 16.41 -15.17
CA ARG C 92 13.20 16.74 -16.02
C ARG C 92 12.13 15.68 -16.00
N VAL C 93 10.88 16.11 -16.17
CA VAL C 93 9.74 15.24 -16.40
C VAL C 93 9.36 15.49 -17.88
N VAL C 94 9.29 14.44 -18.69
CA VAL C 94 8.96 14.55 -20.11
C VAL C 94 7.45 14.53 -20.41
N TYR C 95 6.98 15.42 -21.30
CA TYR C 95 5.58 15.44 -21.75
C TYR C 95 5.59 15.29 -23.25
N ASN C 96 5.32 14.08 -23.72
CA ASN C 96 5.41 13.74 -25.15
C ASN C 96 4.11 13.10 -25.68
N SER C 97 2.96 13.39 -25.06
CA SER C 97 1.71 12.79 -25.46
C SER C 97 0.52 13.68 -25.10
N ARG C 98 -0.60 13.52 -25.82
CA ARG C 98 -1.82 14.28 -25.51
C ARG C 98 -2.61 13.67 -24.35
N THR C 99 -2.25 12.45 -23.91
CA THR C 99 -2.95 11.80 -22.80
C THR C 99 -2.44 12.39 -21.48
N ASP C 100 -3.36 12.82 -20.63
CA ASP C 100 -3.04 13.40 -19.34
C ASP C 100 -2.24 12.45 -18.47
N LYS C 101 -1.23 13.02 -17.82
CA LYS C 101 -0.31 12.34 -16.95
C LYS C 101 -0.20 13.14 -15.65
N PRO C 102 -0.11 12.51 -14.47
CA PRO C 102 0.03 13.31 -13.23
C PRO C 102 1.34 14.09 -13.19
N TRP C 103 1.34 15.26 -12.52
CA TRP C 103 2.57 16.01 -12.27
C TRP C 103 3.13 15.29 -11.03
N PRO C 104 4.25 14.54 -11.18
CA PRO C 104 4.69 13.63 -10.10
C PRO C 104 5.38 14.30 -8.92
N VAL C 105 4.60 15.05 -8.14
CA VAL C 105 5.13 15.85 -7.05
C VAL C 105 4.35 15.65 -5.76
N ALA C 106 5.07 15.44 -4.65
CA ALA C 106 4.43 15.37 -3.34
C ALA C 106 5.29 16.19 -2.35
N LEU C 107 4.65 16.97 -1.50
CA LEU C 107 5.35 17.80 -0.52
C LEU C 107 5.27 17.15 0.87
N TYR C 108 6.41 17.05 1.54
CA TYR C 108 6.57 16.45 2.85
C TYR C 108 7.15 17.44 3.86
N LEU C 109 6.89 17.15 5.12
CA LEU C 109 7.35 17.97 6.22
C LEU C 109 8.20 17.05 7.14
N THR C 110 9.30 17.58 7.65
CA THR C 110 10.16 16.82 8.55
C THR C 110 9.58 16.83 9.95
N PRO C 111 9.33 15.64 10.53
CA PRO C 111 8.81 15.58 11.92
C PRO C 111 9.69 16.33 12.94
N VAL C 112 9.07 17.18 13.78
CA VAL C 112 9.75 17.97 14.83
C VAL C 112 9.08 17.75 16.21
N SER C 113 7.81 17.36 16.26
CA SER C 113 7.10 17.16 17.52
C SER C 113 6.79 15.66 17.77
N SER C 114 6.04 15.30 18.84
CA SER C 114 5.63 13.89 19.03
C SER C 114 4.33 13.64 18.28
N ALA C 115 3.27 14.42 18.58
CA ALA C 115 1.99 14.25 17.90
C ALA C 115 1.35 15.58 17.50
N GLY C 116 2.16 16.61 17.27
CA GLY C 116 1.71 17.95 16.96
C GLY C 116 1.01 18.06 15.63
N GLY C 117 0.37 19.21 15.40
CA GLY C 117 -0.34 19.51 14.19
C GLY C 117 -0.39 21.00 13.92
N VAL C 118 -0.53 21.36 12.65
CA VAL C 118 -0.66 22.75 12.22
C VAL C 118 -1.93 22.84 11.40
N ALA C 119 -2.89 23.67 11.83
CA ALA C 119 -4.15 23.83 11.12
C ALA C 119 -3.97 24.67 9.86
N ILE C 120 -4.53 24.18 8.75
CA ILE C 120 -4.51 24.82 7.45
C ILE C 120 -5.95 25.15 7.10
N LYS C 121 -6.24 26.43 6.85
CA LYS C 121 -7.60 26.85 6.48
C LYS C 121 -7.82 26.72 5.00
N ALA C 122 -9.06 26.46 4.59
CA ALA C 122 -9.44 26.42 3.19
C ALA C 122 -9.25 27.82 2.58
N GLY C 123 -8.64 27.89 1.42
CA GLY C 123 -8.32 29.13 0.74
C GLY C 123 -6.99 29.75 1.14
N SER C 124 -6.22 29.11 2.02
CA SER C 124 -4.94 29.67 2.45
C SER C 124 -3.75 29.16 1.61
N LEU C 125 -2.70 29.97 1.49
CA LEU C 125 -1.49 29.66 0.72
C LEU C 125 -0.64 28.62 1.45
N ILE C 126 -0.23 27.55 0.74
CA ILE C 126 0.63 26.52 1.35
C ILE C 126 2.01 26.41 0.68
N ALA C 127 2.15 26.74 -0.61
CA ALA C 127 3.47 26.64 -1.28
C ALA C 127 3.60 27.56 -2.47
N VAL C 128 4.84 27.96 -2.79
CA VAL C 128 5.14 28.76 -3.97
C VAL C 128 6.18 27.94 -4.75
N LEU C 129 5.76 27.29 -5.81
CA LEU C 129 6.62 26.41 -6.60
C LEU C 129 7.08 27.10 -7.88
N ILE C 130 8.40 27.01 -8.16
CA ILE C 130 8.96 27.63 -9.34
C ILE C 130 9.25 26.53 -10.36
N LEU C 131 8.67 26.63 -11.55
CA LEU C 131 8.85 25.63 -12.58
C LEU C 131 9.67 26.19 -13.76
N ARG C 132 10.36 25.31 -14.46
CA ARG C 132 11.15 25.69 -15.63
C ARG C 132 10.82 24.75 -16.79
N GLN C 133 10.32 25.31 -17.88
CA GLN C 133 9.95 24.54 -19.04
C GLN C 133 10.97 24.68 -20.16
N THR C 134 11.45 23.54 -20.69
CA THR C 134 12.41 23.46 -21.81
C THR C 134 11.84 22.53 -22.93
N ASN C 135 12.56 22.36 -24.03
CA ASN C 135 12.12 21.50 -25.13
C ASN C 135 13.32 20.74 -25.76
N ASN C 136 13.06 19.89 -26.77
CA ASN C 136 14.09 19.08 -27.42
C ASN C 136 14.69 19.65 -28.71
N TYR C 137 14.20 20.81 -29.23
CA TYR C 137 14.79 21.33 -30.47
C TYR C 137 15.67 22.57 -30.26
N ASN C 138 15.25 23.55 -29.42
CA ASN C 138 16.08 24.73 -29.21
C ASN C 138 16.43 24.96 -27.71
N SER C 139 17.15 26.05 -27.38
CA SER C 139 17.56 26.32 -26.00
C SER C 139 16.59 27.25 -25.25
N ASP C 140 15.36 27.45 -25.77
CA ASP C 140 14.39 28.31 -25.12
C ASP C 140 13.90 27.72 -23.82
N ASP C 141 13.76 28.55 -22.78
CA ASP C 141 13.26 28.12 -21.48
C ASP C 141 12.35 29.19 -20.84
N PHE C 142 11.24 28.74 -20.24
CA PHE C 142 10.28 29.63 -19.58
C PHE C 142 10.18 29.27 -18.11
N GLN C 143 10.42 30.24 -17.23
CA GLN C 143 10.34 30.04 -15.79
C GLN C 143 9.07 30.70 -15.26
N PHE C 144 8.24 29.95 -14.55
CA PHE C 144 6.97 30.45 -14.04
C PHE C 144 6.67 29.93 -12.63
N VAL C 145 5.68 30.52 -11.96
CA VAL C 145 5.34 30.18 -10.59
C VAL C 145 3.92 29.64 -10.44
N TRP C 146 3.78 28.59 -9.63
CA TRP C 146 2.50 28.02 -9.26
C TRP C 146 2.34 28.23 -7.75
N ASN C 147 1.37 29.06 -7.36
CA ASN C 147 1.05 29.30 -5.97
C ASN C 147 -0.01 28.28 -5.58
N ILE C 148 0.35 27.34 -4.69
CA ILE C 148 -0.52 26.26 -4.29
C ILE C 148 -1.36 26.71 -3.11
N TYR C 149 -2.69 26.62 -3.22
CA TYR C 149 -3.58 26.95 -2.11
C TYR C 149 -4.29 25.70 -1.62
N ALA C 150 -4.54 25.65 -0.32
CA ALA C 150 -5.29 24.54 0.27
C ALA C 150 -6.75 24.81 -0.06
N ASN C 151 -7.44 23.86 -0.68
CA ASN C 151 -8.86 24.00 -0.98
C ASN C 151 -9.72 23.59 0.25
N ASN C 152 -9.20 22.74 1.14
CA ASN C 152 -9.91 22.24 2.30
C ASN C 152 -9.23 22.54 3.62
N ASP C 153 -10.02 22.49 4.72
CA ASP C 153 -9.56 22.70 6.09
C ASP C 153 -8.91 21.38 6.49
N VAL C 154 -7.68 21.45 6.97
CA VAL C 154 -6.93 20.24 7.30
C VAL C 154 -5.97 20.49 8.44
N VAL C 155 -5.50 19.44 9.10
CA VAL C 155 -4.47 19.57 10.13
C VAL C 155 -3.28 18.78 9.62
N VAL C 156 -2.14 19.45 9.44
CA VAL C 156 -0.93 18.80 8.97
C VAL C 156 -0.18 18.31 10.20
N PRO C 157 0.01 16.99 10.36
CA PRO C 157 0.79 16.49 11.51
C PRO C 157 2.28 16.85 11.40
N THR C 158 2.87 17.27 12.51
CA THR C 158 4.28 17.67 12.54
C THR C 158 5.17 16.70 13.32
N GLY C 159 4.65 15.56 13.75
CA GLY C 159 5.41 14.63 14.55
C GLY C 159 5.40 13.21 14.02
N GLY C 160 5.78 12.26 14.87
CA GLY C 160 5.82 10.88 14.49
C GLY C 160 4.52 10.15 14.68
N CYS C 161 3.56 10.77 15.41
CA CYS C 161 2.29 10.15 15.72
C CYS C 161 1.09 11.01 15.31
N ASP C 162 -0.06 10.35 15.08
CA ASP C 162 -1.28 11.06 14.75
C ASP C 162 -2.46 10.53 15.58
N VAL C 163 -3.52 11.33 15.69
CA VAL C 163 -4.67 11.03 16.50
C VAL C 163 -5.93 10.76 15.69
N SER C 164 -6.91 10.07 16.28
CA SER C 164 -8.18 9.77 15.61
C SER C 164 -8.96 11.07 15.28
N ALA C 165 -8.83 12.09 16.12
CA ALA C 165 -9.45 13.41 15.91
C ALA C 165 -8.69 14.43 16.73
N ARG C 166 -8.54 15.64 16.21
CA ARG C 166 -7.87 16.74 16.90
C ARG C 166 -8.77 17.47 17.92
N ASP C 167 -10.09 17.29 17.82
CA ASP C 167 -11.10 17.92 18.70
C ASP C 167 -12.17 16.87 18.94
N VAL C 168 -12.42 16.54 20.20
CA VAL C 168 -13.41 15.54 20.57
C VAL C 168 -14.41 16.18 21.50
N THR C 169 -15.70 15.96 21.26
CA THR C 169 -16.73 16.44 22.18
C THR C 169 -17.50 15.23 22.70
N VAL C 170 -17.70 15.16 24.03
CA VAL C 170 -18.52 14.08 24.62
C VAL C 170 -19.62 14.70 25.47
N THR C 171 -20.71 13.96 25.66
CA THR C 171 -21.83 14.43 26.49
C THR C 171 -22.03 13.46 27.62
N LEU C 172 -21.84 13.93 28.83
CA LEU C 172 -22.01 13.12 30.02
C LEU C 172 -23.51 12.87 30.20
N PRO C 173 -23.91 11.76 30.83
CA PRO C 173 -25.32 11.63 31.25
C PRO C 173 -25.59 12.72 32.32
N ASP C 174 -26.86 12.95 32.69
CA ASP C 174 -27.16 13.97 33.73
C ASP C 174 -26.47 13.58 35.04
N TYR C 175 -26.00 14.58 35.78
CA TYR C 175 -25.27 14.37 37.02
C TYR C 175 -25.99 13.44 38.00
N PRO C 176 -25.28 12.46 38.60
CA PRO C 176 -23.89 12.09 38.34
C PRO C 176 -23.81 11.02 37.24
N GLY C 177 -22.63 10.86 36.66
CA GLY C 177 -22.44 9.88 35.60
C GLY C 177 -21.13 10.02 34.86
N SER C 178 -20.87 9.07 33.96
CA SER C 178 -19.63 9.04 33.22
C SER C 178 -19.86 8.68 31.74
N VAL C 179 -18.89 8.99 30.89
CA VAL C 179 -18.99 8.68 29.46
C VAL C 179 -17.57 8.39 28.92
N PRO C 180 -17.38 7.32 28.14
CA PRO C 180 -16.04 7.10 27.55
C PRO C 180 -15.70 8.22 26.54
N ILE C 181 -14.41 8.50 26.39
CA ILE C 181 -13.94 9.48 25.41
C ILE C 181 -13.32 8.73 24.28
N PRO C 182 -13.91 8.76 23.08
CA PRO C 182 -13.31 8.02 21.95
C PRO C 182 -12.13 8.81 21.38
N LEU C 183 -10.92 8.34 21.67
CA LEU C 183 -9.71 9.03 21.26
C LEU C 183 -8.57 8.03 21.25
N THR C 184 -7.97 7.85 20.06
CA THR C 184 -6.86 6.93 19.88
C THR C 184 -5.67 7.65 19.26
N VAL C 185 -4.48 7.01 19.33
CA VAL C 185 -3.26 7.53 18.76
C VAL C 185 -2.49 6.38 18.12
N TYR C 186 -1.73 6.68 17.07
CA TYR C 186 -0.89 5.69 16.40
C TYR C 186 0.39 6.41 15.97
N CYS C 187 1.46 5.67 15.69
CA CYS C 187 2.72 6.28 15.27
C CYS C 187 3.22 5.57 13.99
N ALA C 188 3.89 6.32 13.11
CA ALA C 188 4.39 5.77 11.83
C ALA C 188 5.35 4.58 12.07
N LYS C 189 6.07 4.60 13.20
CA LYS C 189 6.93 3.52 13.69
C LYS C 189 6.75 3.46 15.22
N SER C 190 7.17 2.36 15.85
CA SER C 190 7.03 2.23 17.30
C SER C 190 7.70 3.37 18.07
N GLN C 191 6.92 4.02 18.95
CA GLN C 191 7.42 5.11 19.81
C GLN C 191 7.05 4.81 21.24
N ASN C 192 7.89 5.20 22.21
CA ASN C 192 7.56 5.04 23.61
C ASN C 192 6.84 6.33 23.93
N LEU C 193 5.51 6.25 23.93
CA LEU C 193 4.63 7.40 23.99
C LEU C 193 3.88 7.60 25.31
N GLY C 194 3.65 8.84 25.64
CA GLY C 194 2.84 9.23 26.78
C GLY C 194 2.04 10.48 26.46
N TYR C 195 1.22 10.92 27.41
CA TYR C 195 0.45 12.16 27.23
C TYR C 195 0.13 12.76 28.59
N TYR C 196 -0.15 14.04 28.61
CA TYR C 196 -0.62 14.72 29.82
C TYR C 196 -1.79 15.65 29.49
N LEU C 197 -2.61 15.92 30.52
CA LEU C 197 -3.76 16.81 30.40
C LEU C 197 -3.41 18.23 30.84
N SER C 198 -4.07 19.21 30.25
CA SER C 198 -3.89 20.59 30.63
C SER C 198 -5.21 21.35 30.54
N GLY C 199 -5.31 22.43 31.30
CA GLY C 199 -6.52 23.23 31.32
C GLY C 199 -6.55 24.06 32.59
N THR C 200 -7.74 24.36 33.09
CA THR C 200 -7.87 25.12 34.33
C THR C 200 -8.55 24.21 35.33
N THR C 201 -7.89 23.96 36.46
CA THR C 201 -8.47 23.11 37.48
C THR C 201 -9.00 23.95 38.65
N ALA C 202 -9.91 23.38 39.40
CA ALA C 202 -10.59 24.03 40.49
C ALA C 202 -10.08 23.56 41.87
N ASP C 203 -9.63 22.32 41.97
CA ASP C 203 -9.27 21.74 43.26
C ASP C 203 -7.79 21.77 43.62
N ALA C 204 -7.51 21.63 44.94
CA ALA C 204 -6.13 21.49 45.45
C ALA C 204 -5.43 20.28 44.77
N GLY C 205 -6.18 19.22 44.48
CA GLY C 205 -5.68 18.05 43.80
C GLY C 205 -5.31 18.22 42.33
N ASN C 206 -5.63 19.38 41.70
CA ASN C 206 -5.31 19.66 40.30
C ASN C 206 -5.87 18.56 39.37
N SER C 207 -7.08 18.08 39.67
CA SER C 207 -7.69 16.97 38.94
C SER C 207 -9.13 17.23 38.47
N ILE C 208 -9.72 18.34 38.91
CA ILE C 208 -11.08 18.67 38.51
C ILE C 208 -11.02 19.91 37.68
N PHE C 209 -11.38 19.79 36.40
CA PHE C 209 -11.37 20.92 35.50
C PHE C 209 -12.60 21.77 35.76
N THR C 210 -12.38 23.10 35.77
CA THR C 210 -13.41 24.08 36.05
C THR C 210 -14.53 24.06 35.06
N ASN C 211 -15.76 24.31 35.57
CA ASN C 211 -16.93 24.42 34.74
C ASN C 211 -16.91 25.81 34.12
N THR C 212 -16.67 25.87 32.81
CA THR C 212 -16.62 27.12 32.06
C THR C 212 -17.82 27.31 31.16
N ALA C 213 -18.95 26.57 31.39
CA ALA C 213 -20.18 26.78 30.60
C ALA C 213 -20.64 28.21 30.74
N SER C 214 -21.00 28.82 29.60
CA SER C 214 -21.35 30.22 29.56
C SER C 214 -22.80 30.51 29.83
N PHE C 215 -23.70 29.56 29.57
CA PHE C 215 -25.12 29.83 29.72
C PHE C 215 -25.73 28.97 30.75
N SER C 216 -26.43 29.63 31.73
CA SER C 216 -27.11 28.98 32.85
C SER C 216 -26.35 27.78 33.43
N PRO C 217 -25.08 27.98 33.84
CA PRO C 217 -24.30 26.85 34.34
C PRO C 217 -24.63 26.43 35.75
N ALA C 218 -24.19 25.22 36.07
CA ALA C 218 -24.28 24.63 37.38
C ALA C 218 -23.21 25.35 38.25
N GLN C 219 -23.27 25.17 39.56
CA GLN C 219 -22.23 25.61 40.49
C GLN C 219 -21.83 24.38 41.32
N GLY C 220 -20.62 24.39 41.86
CA GLY C 220 -20.13 23.34 42.74
C GLY C 220 -19.67 22.05 42.07
N VAL C 221 -19.51 22.07 40.75
CA VAL C 221 -19.11 20.84 40.02
C VAL C 221 -18.15 21.15 38.88
N GLY C 222 -17.29 20.19 38.58
CA GLY C 222 -16.35 20.28 37.46
C GLY C 222 -16.25 18.94 36.75
N VAL C 223 -15.26 18.80 35.87
CA VAL C 223 -15.09 17.55 35.10
C VAL C 223 -13.79 16.89 35.48
N GLN C 224 -13.83 15.57 35.69
CA GLN C 224 -12.65 14.84 36.06
C GLN C 224 -12.47 13.65 35.11
N LEU C 225 -11.26 13.46 34.60
CA LEU C 225 -10.98 12.37 33.69
C LEU C 225 -10.38 11.18 34.42
N THR C 226 -10.83 9.99 34.03
CA THR C 226 -10.36 8.75 34.63
C THR C 226 -9.90 7.73 33.58
N ARG C 227 -9.13 6.75 34.02
CA ARG C 227 -8.66 5.66 33.18
C ARG C 227 -8.96 4.45 34.05
N GLN C 228 -10.13 3.80 33.80
CA GLN C 228 -10.68 2.69 34.59
C GLN C 228 -10.87 3.07 36.10
N GLY C 229 -11.49 4.20 36.33
CA GLY C 229 -11.73 4.69 37.68
C GLY C 229 -10.55 5.44 38.32
N THR C 230 -9.31 5.20 37.84
CA THR C 230 -8.12 5.88 38.35
C THR C 230 -8.17 7.34 37.89
N ILE C 231 -7.93 8.30 38.77
CA ILE C 231 -8.05 9.71 38.44
C ILE C 231 -6.80 10.30 37.81
N ILE C 232 -6.95 10.97 36.67
CA ILE C 232 -5.83 11.60 35.96
C ILE C 232 -5.76 13.09 36.27
N PRO C 233 -4.80 13.52 37.11
CA PRO C 233 -4.66 14.96 37.33
C PRO C 233 -3.99 15.63 36.13
N ALA C 234 -4.14 16.94 36.04
CA ALA C 234 -3.49 17.71 34.99
C ALA C 234 -1.96 17.65 35.19
N ASN C 235 -1.21 17.91 34.12
CA ASN C 235 0.25 17.97 34.12
C ASN C 235 0.92 16.74 34.73
N ASN C 236 0.43 15.56 34.36
CA ASN C 236 0.95 14.31 34.90
C ASN C 236 0.96 13.31 33.77
N THR C 237 2.16 12.99 33.27
CA THR C 237 2.29 12.12 32.14
C THR C 237 1.78 10.72 32.43
N VAL C 238 0.91 10.23 31.54
CA VAL C 238 0.37 8.89 31.54
C VAL C 238 1.09 8.15 30.40
N SER C 239 1.76 7.04 30.70
CA SER C 239 2.43 6.26 29.70
C SER C 239 1.47 5.35 28.94
N LEU C 240 1.60 5.32 27.62
CA LEU C 240 0.85 4.39 26.78
C LEU C 240 1.68 3.18 26.35
N GLY C 241 2.94 3.10 26.78
CA GLY C 241 3.85 2.04 26.37
C GLY C 241 4.35 2.29 24.97
N ALA C 242 4.66 1.22 24.23
CA ALA C 242 5.12 1.34 22.85
C ALA C 242 3.90 1.43 21.94
N VAL C 243 3.80 2.52 21.17
CA VAL C 243 2.70 2.74 20.26
C VAL C 243 3.23 2.68 18.83
N GLY C 244 2.74 1.73 18.05
CA GLY C 244 3.13 1.56 16.67
C GLY C 244 2.04 1.95 15.69
N THR C 245 2.00 1.31 14.52
CA THR C 245 1.05 1.62 13.46
C THR C 245 -0.39 1.30 13.81
N SER C 246 -0.63 0.35 14.74
CA SER C 246 -2.01 0.05 15.16
C SER C 246 -2.43 1.05 16.25
N ALA C 247 -3.61 1.66 16.08
CA ALA C 247 -4.16 2.64 17.00
C ALA C 247 -4.29 2.09 18.42
N VAL C 248 -3.97 2.94 19.40
CA VAL C 248 -4.04 2.62 20.80
C VAL C 248 -4.95 3.66 21.44
N SER C 249 -5.97 3.22 22.15
CA SER C 249 -6.89 4.09 22.83
C SER C 249 -6.21 4.72 24.05
N LEU C 250 -6.48 6.00 24.30
CA LEU C 250 -5.97 6.64 25.50
C LEU C 250 -6.69 6.09 26.77
N GLY C 251 -7.83 5.39 26.61
CA GLY C 251 -8.57 4.78 27.71
C GLY C 251 -9.22 5.76 28.66
N LEU C 252 -9.50 6.98 28.18
CA LEU C 252 -10.08 8.05 28.99
C LEU C 252 -11.59 8.01 29.08
N THR C 253 -12.11 8.38 30.26
CA THR C 253 -13.54 8.49 30.59
C THR C 253 -13.76 9.84 31.28
N ALA C 254 -14.84 10.55 30.95
CA ALA C 254 -15.17 11.82 31.60
C ALA C 254 -16.19 11.54 32.70
N ASN C 255 -16.14 12.33 33.76
CA ASN C 255 -16.99 12.20 34.95
C ASN C 255 -17.23 13.60 35.52
N TYR C 256 -18.22 13.75 36.40
CA TYR C 256 -18.38 15.00 37.16
C TYR C 256 -17.62 14.80 38.47
N ALA C 257 -17.20 15.90 39.12
CA ALA C 257 -16.57 15.80 40.43
C ALA C 257 -16.89 17.10 41.21
N ARG C 258 -17.19 16.97 42.51
CA ARG C 258 -17.56 18.12 43.34
C ARG C 258 -16.39 19.00 43.70
N THR C 259 -16.60 20.32 43.67
CA THR C 259 -15.57 21.29 44.01
C THR C 259 -15.80 22.00 45.37
N GLY C 260 -16.97 21.79 45.98
CA GLY C 260 -17.31 22.42 47.24
C GLY C 260 -18.68 23.05 47.22
N GLY C 261 -19.43 22.89 48.29
CA GLY C 261 -20.78 23.41 48.37
C GLY C 261 -21.79 22.57 47.58
N GLN C 262 -23.02 23.03 47.56
CA GLN C 262 -24.11 22.36 46.87
C GLN C 262 -23.86 22.34 45.37
N VAL C 263 -24.19 21.22 44.73
CA VAL C 263 -24.11 21.12 43.26
C VAL C 263 -25.49 21.63 42.78
N THR C 264 -25.50 22.78 42.10
CA THR C 264 -26.78 23.39 41.68
C THR C 264 -27.10 23.12 40.22
N ALA C 265 -28.36 23.25 39.84
CA ALA C 265 -28.88 23.02 38.49
C ALA C 265 -28.21 23.85 37.37
N GLY C 266 -27.92 23.18 36.27
CA GLY C 266 -27.40 23.89 35.11
C GLY C 266 -26.38 23.17 34.25
N ASN C 267 -25.94 23.86 33.22
CA ASN C 267 -24.97 23.35 32.25
C ASN C 267 -23.57 23.20 32.81
N VAL C 268 -22.86 22.20 32.35
CA VAL C 268 -21.48 21.94 32.72
C VAL C 268 -20.67 21.85 31.42
N GLN C 269 -19.51 22.50 31.39
CA GLN C 269 -18.59 22.36 30.26
C GLN C 269 -17.17 22.52 30.73
N SER C 270 -16.28 21.66 30.24
CA SER C 270 -14.85 21.79 30.50
C SER C 270 -14.11 21.49 29.23
N ILE C 271 -13.11 22.31 28.88
CA ILE C 271 -12.26 22.16 27.71
C ILE C 271 -10.89 21.73 28.22
N ILE C 272 -10.46 20.50 27.88
CA ILE C 272 -9.23 19.92 28.38
C ILE C 272 -8.30 19.58 27.24
N GLY C 273 -7.06 20.01 27.33
CA GLY C 273 -6.06 19.69 26.33
C GLY C 273 -5.33 18.37 26.61
N VAL C 274 -4.88 17.71 25.55
CA VAL C 274 -4.09 16.50 25.62
C VAL C 274 -2.81 16.79 24.82
N THR C 275 -1.64 16.60 25.41
CA THR C 275 -0.37 16.81 24.71
C THR C 275 0.43 15.53 24.82
N PHE C 276 0.89 15.00 23.69
CA PHE C 276 1.68 13.78 23.64
C PHE C 276 3.16 14.09 23.75
N VAL C 277 3.89 13.19 24.43
N VAL C 277 3.89 13.20 24.42
CA VAL C 277 5.32 13.32 24.66
CA VAL C 277 5.34 13.31 24.63
C VAL C 277 6.02 11.97 24.44
C VAL C 277 6.02 11.97 24.42
N TYR C 278 7.25 11.99 23.90
CA TYR C 278 8.04 10.78 23.77
C TYR C 278 8.68 10.56 25.16
N GLN C 279 9.07 9.32 25.49
CA GLN C 279 9.67 9.02 26.80
C GLN C 279 10.89 9.88 27.10
N GLY C 280 10.81 10.63 28.18
CA GLY C 280 11.86 11.53 28.60
C GLY C 280 11.94 12.84 27.84
N GLY C 281 10.96 13.09 26.97
CA GLY C 281 10.93 14.30 26.14
C GLY C 281 10.09 15.42 26.73
N SER C 282 9.97 16.54 26.00
CA SER C 282 9.12 17.69 26.40
C SER C 282 8.43 18.31 25.18
N SER C 283 7.35 19.08 25.39
CA SER C 283 6.63 19.72 24.29
C SER C 283 6.35 21.20 24.55
N GLY C 284 7.07 22.06 23.84
CA GLY C 284 6.91 23.51 23.95
C GLY C 284 5.65 24.05 23.31
N GLY C 285 5.05 23.25 22.41
CA GLY C 285 3.80 23.63 21.79
C GLY C 285 2.62 23.40 22.73
N GLY C 286 1.44 23.78 22.27
CA GLY C 286 0.24 23.59 23.08
C GLY C 286 -0.37 22.22 22.94
N ALA C 287 -1.66 22.12 23.23
CA ALA C 287 -2.39 20.88 23.17
C ALA C 287 -2.47 20.32 21.77
N ASP C 288 -2.32 19.01 21.65
CA ASP C 288 -2.46 18.31 20.37
C ASP C 288 -3.94 17.99 20.09
N VAL C 289 -4.71 17.71 21.16
CA VAL C 289 -6.12 17.37 21.10
C VAL C 289 -6.85 18.22 22.11
N THR C 290 -8.05 18.65 21.75
CA THR C 290 -8.89 19.36 22.66
C THR C 290 -10.13 18.52 22.91
N ILE C 291 -10.40 18.21 24.18
CA ILE C 291 -11.59 17.47 24.57
C ILE C 291 -12.58 18.44 25.19
N THR C 292 -13.80 18.47 24.67
CA THR C 292 -14.86 19.30 25.21
C THR C 292 -15.82 18.34 25.87
N VAL C 293 -16.01 18.50 27.17
CA VAL C 293 -16.93 17.65 27.91
C VAL C 293 -18.14 18.47 28.29
N ASN C 294 -19.32 18.04 27.85
CA ASN C 294 -20.55 18.74 28.19
C ASN C 294 -21.32 17.89 29.16
N GLY C 295 -22.03 18.53 30.07
CA GLY C 295 -22.87 17.84 31.03
C GLY C 295 -23.98 18.73 31.54
N LYS C 296 -24.79 18.20 32.45
CA LYS C 296 -25.91 18.96 32.98
C LYS C 296 -26.33 18.44 34.34
N VAL C 297 -26.56 19.38 35.31
CA VAL C 297 -27.12 19.06 36.60
C VAL C 297 -28.64 19.37 36.53
N VAL C 298 -29.48 18.35 36.73
CA VAL C 298 -30.93 18.56 36.69
C VAL C 298 -31.52 18.53 38.12
N ALA C 299 -32.35 19.52 38.45
CA ALA C 299 -33.00 19.59 39.76
C ALA C 299 -34.04 18.50 39.89
N LYS C 300 -34.11 17.84 41.05
CA LYS C 300 -35.07 16.75 41.27
C LYS C 300 -36.47 17.29 41.58
N ASN D 19 -20.76 -10.91 -27.68
CA ASN D 19 -19.38 -11.19 -27.37
C ASN D 19 -18.67 -9.89 -27.02
N VAL D 20 -18.19 -9.78 -25.78
CA VAL D 20 -17.51 -8.59 -25.29
C VAL D 20 -16.04 -8.92 -25.03
N TYR D 21 -15.12 -8.35 -25.83
CA TYR D 21 -13.68 -8.61 -25.68
C TYR D 21 -13.12 -7.73 -24.56
N VAL D 22 -12.42 -8.33 -23.59
CA VAL D 22 -11.91 -7.59 -22.45
C VAL D 22 -10.42 -7.88 -22.21
N ASN D 23 -9.65 -6.87 -21.76
CA ASN D 23 -8.23 -7.01 -21.44
C ASN D 23 -8.08 -7.53 -19.99
N LEU D 24 -7.38 -8.67 -19.81
CA LEU D 24 -7.25 -9.31 -18.50
C LEU D 24 -5.98 -9.01 -17.70
N ALA D 25 -6.10 -8.95 -16.35
CA ALA D 25 -4.94 -8.76 -15.50
C ALA D 25 -5.15 -9.52 -14.19
N PRO D 26 -5.06 -10.87 -14.23
CA PRO D 26 -5.30 -11.64 -13.02
C PRO D 26 -4.22 -11.47 -11.96
N ALA D 27 -4.61 -11.59 -10.69
CA ALA D 27 -3.66 -11.41 -9.59
C ALA D 27 -4.11 -12.13 -8.34
N VAL D 28 -3.15 -12.58 -7.51
CA VAL D 28 -3.52 -13.15 -6.22
C VAL D 28 -3.87 -11.99 -5.27
N ASN D 29 -4.93 -12.18 -4.47
CA ASN D 29 -5.33 -11.23 -3.42
C ASN D 29 -5.62 -12.07 -2.16
N VAL D 30 -5.78 -11.43 -0.99
CA VAL D 30 -6.05 -12.14 0.24
C VAL D 30 -7.41 -12.83 0.16
N GLY D 31 -7.45 -14.14 0.36
CA GLY D 31 -8.68 -14.92 0.36
C GLY D 31 -9.29 -15.27 -0.99
N GLN D 32 -8.92 -14.55 -2.04
CA GLN D 32 -9.46 -14.80 -3.38
C GLN D 32 -8.60 -14.13 -4.44
N ASN D 33 -8.63 -14.64 -5.69
CA ASN D 33 -7.83 -14.06 -6.75
C ASN D 33 -8.64 -13.33 -7.81
N LEU D 34 -8.18 -12.15 -8.23
CA LEU D 34 -8.84 -11.40 -9.28
C LEU D 34 -8.64 -12.13 -10.61
N VAL D 35 -9.73 -12.34 -11.37
CA VAL D 35 -9.66 -12.95 -12.69
C VAL D 35 -9.71 -11.80 -13.70
N VAL D 36 -10.75 -10.94 -13.58
CA VAL D 36 -10.89 -9.77 -14.45
C VAL D 36 -11.68 -8.67 -13.74
N ASP D 37 -11.17 -7.44 -13.81
CA ASP D 37 -11.87 -6.29 -13.25
C ASP D 37 -12.58 -5.64 -14.43
N LEU D 38 -13.89 -5.90 -14.58
CA LEU D 38 -14.67 -5.34 -15.68
C LEU D 38 -15.00 -3.86 -15.52
N SER D 39 -14.77 -3.26 -14.33
CA SER D 39 -15.03 -1.84 -14.14
C SER D 39 -14.07 -0.94 -14.94
N THR D 40 -12.90 -1.46 -15.30
CA THR D 40 -11.95 -0.72 -16.14
C THR D 40 -12.14 -1.00 -17.65
N GLN D 41 -13.11 -1.84 -18.03
CA GLN D 41 -13.33 -2.19 -19.44
C GLN D 41 -14.69 -1.67 -19.93
N TYR D 64 -18.50 -18.46 -14.75
CA TYR D 64 -17.27 -18.69 -15.51
C TYR D 64 -17.46 -19.62 -16.69
N GLY D 65 -16.66 -19.41 -17.73
CA GLY D 65 -16.71 -20.23 -18.94
C GLY D 65 -15.34 -20.69 -19.42
N GLY D 66 -15.33 -21.54 -20.43
CA GLY D 66 -14.09 -22.08 -20.98
C GLY D 66 -13.35 -22.95 -19.98
N VAL D 67 -12.03 -22.76 -19.88
CA VAL D 67 -11.18 -23.51 -18.96
C VAL D 67 -11.38 -23.14 -17.47
N LEU D 68 -12.09 -22.04 -17.18
CA LEU D 68 -12.36 -21.65 -15.79
C LEU D 68 -13.76 -22.07 -15.30
N SER D 69 -14.60 -22.68 -16.17
CA SER D 69 -15.96 -23.06 -15.82
C SER D 69 -16.12 -23.96 -14.58
N SER D 70 -15.10 -24.75 -14.21
CA SER D 70 -15.19 -25.61 -13.02
C SER D 70 -14.81 -24.90 -11.70
N PHE D 71 -14.33 -23.65 -11.77
CA PHE D 71 -13.92 -22.93 -10.58
C PHE D 71 -15.03 -22.06 -10.00
N SER D 72 -15.13 -22.04 -8.68
CA SER D 72 -16.07 -21.16 -7.98
C SER D 72 -15.30 -19.93 -7.50
N GLY D 73 -16.03 -18.87 -7.17
CA GLY D 73 -15.42 -17.64 -6.70
C GLY D 73 -16.44 -16.65 -6.17
N THR D 86 -23.47 -17.14 -9.23
CA THR D 86 -24.47 -16.44 -8.42
C THR D 86 -25.74 -17.27 -8.23
N THR D 87 -26.29 -17.25 -7.03
CA THR D 87 -27.51 -17.97 -6.67
C THR D 87 -28.68 -17.05 -6.31
N SER D 88 -28.41 -15.74 -6.13
CA SER D 88 -29.40 -14.73 -5.79
C SER D 88 -29.25 -13.54 -6.73
N GLU D 89 -30.33 -12.77 -6.93
CA GLU D 89 -30.29 -11.59 -7.78
C GLU D 89 -29.59 -10.46 -7.03
N THR D 90 -28.64 -9.77 -7.68
CA THR D 90 -27.89 -8.69 -7.05
C THR D 90 -28.66 -7.37 -6.99
N PRO D 91 -28.23 -6.41 -6.14
CA PRO D 91 -28.88 -5.10 -6.14
C PRO D 91 -28.67 -4.35 -7.45
N ARG D 92 -29.51 -3.36 -7.69
CA ARG D 92 -29.48 -2.58 -8.91
C ARG D 92 -28.37 -1.52 -8.92
N VAL D 93 -27.92 -1.14 -10.11
CA VAL D 93 -26.91 -0.09 -10.27
C VAL D 93 -27.59 1.17 -10.82
N TYR D 108 -13.78 -12.85 -9.42
CA TYR D 108 -12.80 -13.46 -8.52
C TYR D 108 -12.91 -14.98 -8.47
N LEU D 109 -11.81 -15.64 -8.14
CA LEU D 109 -11.71 -17.08 -8.07
C LEU D 109 -11.30 -17.50 -6.65
N THR D 110 -11.89 -18.57 -6.12
CA THR D 110 -11.53 -19.07 -4.79
C THR D 110 -10.29 -19.94 -4.88
N PRO D 111 -9.22 -19.57 -4.15
CA PRO D 111 -7.98 -20.36 -4.20
C PRO D 111 -8.15 -21.81 -3.75
N VAL D 112 -7.58 -22.74 -4.53
CA VAL D 112 -7.65 -24.18 -4.27
C VAL D 112 -6.24 -24.84 -4.18
N SER D 113 -5.20 -24.17 -4.70
CA SER D 113 -3.82 -24.71 -4.69
C SER D 113 -2.84 -23.80 -3.87
N SER D 114 -1.50 -24.07 -3.92
CA SER D 114 -0.53 -23.23 -3.22
C SER D 114 -0.02 -22.12 -4.17
N ALA D 115 0.46 -22.51 -5.35
CA ALA D 115 0.93 -21.53 -6.33
C ALA D 115 0.60 -21.96 -7.76
N GLY D 116 -0.52 -22.68 -7.94
CA GLY D 116 -0.97 -23.16 -9.24
C GLY D 116 -1.44 -22.07 -10.19
N GLY D 117 -1.64 -22.44 -11.44
CA GLY D 117 -2.10 -21.51 -12.47
C GLY D 117 -2.90 -22.17 -13.57
N VAL D 118 -3.75 -21.39 -14.27
CA VAL D 118 -4.54 -21.88 -15.41
C VAL D 118 -4.31 -20.92 -16.57
N ALA D 119 -3.74 -21.42 -17.68
CA ALA D 119 -3.47 -20.58 -18.84
C ALA D 119 -4.73 -20.26 -19.62
N ILE D 120 -4.89 -18.99 -19.97
CA ILE D 120 -6.00 -18.47 -20.76
C ILE D 120 -5.40 -17.92 -22.05
N LYS D 121 -5.81 -18.46 -23.20
CA LYS D 121 -5.31 -17.93 -24.49
C LYS D 121 -6.13 -16.74 -24.93
N ALA D 122 -5.51 -15.84 -25.72
CA ALA D 122 -6.24 -14.68 -26.25
C ALA D 122 -7.31 -15.17 -27.21
N GLY D 123 -8.48 -14.54 -27.13
CA GLY D 123 -9.62 -14.92 -27.94
C GLY D 123 -10.47 -16.03 -27.33
N SER D 124 -10.11 -16.52 -26.13
CA SER D 124 -10.87 -17.59 -25.49
C SER D 124 -11.90 -17.05 -24.51
N LEU D 125 -13.07 -17.72 -24.44
CA LEU D 125 -14.18 -17.36 -23.57
C LEU D 125 -13.82 -17.56 -22.10
N TYR D 149 -14.85 -12.30 -23.31
CA TYR D 149 -13.70 -12.92 -23.95
C TYR D 149 -12.38 -12.28 -23.52
N ALA D 150 -11.27 -13.01 -23.68
CA ALA D 150 -9.95 -12.49 -23.34
C ALA D 150 -9.34 -11.82 -24.58
N VAL D 154 -2.95 -14.88 -20.79
CA VAL D 154 -2.77 -14.65 -19.35
C VAL D 154 -2.77 -15.97 -18.55
N VAL D 155 -2.26 -15.93 -17.31
CA VAL D 155 -2.30 -17.11 -16.44
C VAL D 155 -3.09 -16.67 -15.22
N VAL D 156 -4.18 -17.37 -14.94
CA VAL D 156 -5.02 -17.04 -13.81
C VAL D 156 -4.50 -17.84 -12.64
N PRO D 157 -4.01 -17.17 -11.58
CA PRO D 157 -3.50 -17.92 -10.44
C PRO D 157 -4.63 -18.60 -9.71
N THR D 158 -4.39 -19.84 -9.25
CA THR D 158 -5.40 -20.63 -8.53
C THR D 158 -5.02 -20.94 -7.08
N GLY D 159 -3.98 -20.29 -6.54
CA GLY D 159 -3.54 -20.50 -5.17
C GLY D 159 -3.30 -19.19 -4.43
N GLY D 160 -2.69 -19.28 -3.25
CA GLY D 160 -2.41 -18.09 -2.46
C GLY D 160 -1.13 -17.38 -2.81
N CYS D 161 -0.31 -18.01 -3.67
CA CYS D 161 0.99 -17.51 -4.05
C CYS D 161 1.16 -17.44 -5.56
N ASP D 162 2.01 -16.53 -6.02
CA ASP D 162 2.31 -16.41 -7.43
C ASP D 162 3.82 -16.33 -7.67
N VAL D 163 4.25 -16.69 -8.89
CA VAL D 163 5.65 -16.75 -9.25
C VAL D 163 6.07 -15.65 -10.23
N SER D 164 7.38 -15.35 -10.28
CA SER D 164 7.90 -14.35 -11.20
C SER D 164 7.71 -14.76 -12.69
N ALA D 165 7.72 -16.07 -12.97
CA ALA D 165 7.53 -16.62 -14.30
C ALA D 165 7.12 -18.08 -14.17
N ARG D 166 6.27 -18.56 -15.08
CA ARG D 166 5.85 -19.97 -15.06
C ARG D 166 6.80 -20.89 -15.86
N ASP D 167 7.63 -20.30 -16.73
CA ASP D 167 8.61 -21.03 -17.53
C ASP D 167 9.85 -20.19 -17.52
N VAL D 168 10.96 -20.77 -17.06
CA VAL D 168 12.25 -20.10 -16.99
C VAL D 168 13.27 -20.92 -17.73
N THR D 169 14.07 -20.29 -18.60
CA THR D 169 15.15 -20.98 -19.31
C THR D 169 16.45 -20.32 -18.89
N VAL D 170 17.45 -21.13 -18.52
CA VAL D 170 18.76 -20.64 -18.20
C VAL D 170 19.80 -21.32 -19.08
N THR D 171 20.91 -20.63 -19.32
CA THR D 171 22.00 -21.16 -20.10
C THR D 171 23.23 -21.25 -19.21
N LEU D 172 23.71 -22.46 -18.98
CA LEU D 172 24.90 -22.67 -18.19
C LEU D 172 26.10 -22.18 -19.00
N PRO D 173 27.19 -21.72 -18.36
CA PRO D 173 28.43 -21.51 -19.13
C PRO D 173 28.88 -22.89 -19.68
N ASP D 174 29.88 -22.92 -20.58
CA ASP D 174 30.38 -24.21 -21.08
C ASP D 174 30.92 -25.04 -19.93
N TYR D 175 30.71 -26.37 -19.99
CA TYR D 175 31.14 -27.28 -18.95
C TYR D 175 32.61 -27.10 -18.53
N PRO D 176 32.92 -27.05 -17.22
CA PRO D 176 31.99 -27.05 -16.09
C PRO D 176 31.60 -25.63 -15.73
N GLY D 177 30.50 -25.49 -15.01
CA GLY D 177 30.04 -24.17 -14.59
C GLY D 177 28.65 -24.18 -14.00
N SER D 178 28.26 -23.04 -13.49
CA SER D 178 26.96 -22.88 -12.86
C SER D 178 26.30 -21.56 -13.29
N VAL D 179 24.99 -21.46 -13.11
CA VAL D 179 24.26 -20.24 -13.44
C VAL D 179 23.10 -20.09 -12.45
N PRO D 180 22.89 -18.90 -11.87
CA PRO D 180 21.71 -18.71 -11.00
C PRO D 180 20.42 -18.84 -11.81
N ILE D 181 19.34 -19.29 -11.18
CA ILE D 181 18.04 -19.43 -11.82
C ILE D 181 17.19 -18.31 -11.28
N PRO D 182 16.84 -17.31 -12.11
CA PRO D 182 16.00 -16.21 -11.61
C PRO D 182 14.56 -16.66 -11.48
N LEU D 183 14.13 -16.89 -10.24
CA LEU D 183 12.79 -17.40 -9.96
C LEU D 183 12.43 -17.07 -8.53
N THR D 184 11.38 -16.27 -8.38
CA THR D 184 10.90 -15.84 -7.07
C THR D 184 9.42 -16.18 -6.91
N VAL D 185 8.96 -16.17 -5.64
CA VAL D 185 7.58 -16.44 -5.30
C VAL D 185 7.16 -15.43 -4.23
N TYR D 186 5.89 -15.06 -4.25
CA TYR D 186 5.32 -14.19 -3.23
C TYR D 186 3.93 -14.72 -2.93
N CYS D 187 3.37 -14.39 -1.77
CA CYS D 187 2.02 -14.82 -1.41
C CYS D 187 1.18 -13.59 -1.02
N ALA D 188 -0.13 -13.63 -1.27
CA ALA D 188 -1.01 -12.50 -0.92
C ALA D 188 -0.99 -12.19 0.58
N LYS D 189 -0.81 -13.22 1.40
CA LYS D 189 -0.61 -13.12 2.84
C LYS D 189 0.50 -14.12 3.22
N SER D 190 1.07 -14.01 4.41
CA SER D 190 2.15 -14.90 4.85
C SER D 190 1.74 -16.37 4.81
N GLN D 191 2.52 -17.20 4.11
CA GLN D 191 2.31 -18.65 4.04
C GLN D 191 3.59 -19.37 4.41
N ASN D 192 3.49 -20.53 5.06
CA ASN D 192 4.68 -21.33 5.34
C ASN D 192 4.84 -22.16 4.07
N LEU D 193 5.62 -21.65 3.14
CA LEU D 193 5.77 -22.20 1.80
C LEU D 193 7.02 -23.05 1.60
N GLY D 194 6.88 -24.05 0.77
CA GLY D 194 7.95 -24.96 0.36
C GLY D 194 7.77 -25.36 -1.09
N TYR D 195 8.75 -26.08 -1.63
CA TYR D 195 8.65 -26.56 -3.00
C TYR D 195 9.48 -27.83 -3.20
N TYR D 196 9.15 -28.59 -4.23
CA TYR D 196 9.97 -29.74 -4.61
C TYR D 196 10.20 -29.78 -6.11
N LEU D 197 11.27 -30.45 -6.54
CA LEU D 197 11.64 -30.60 -7.94
C LEU D 197 11.12 -31.93 -8.48
N SER D 198 10.81 -31.96 -9.77
CA SER D 198 10.40 -33.20 -10.42
C SER D 198 10.92 -33.27 -11.84
N GLY D 199 11.10 -34.48 -12.33
CA GLY D 199 11.62 -34.70 -13.67
C GLY D 199 12.13 -36.10 -13.81
N THR D 200 13.15 -36.32 -14.62
CA THR D 200 13.75 -37.65 -14.79
C THR D 200 15.17 -37.55 -14.36
N THR D 201 15.59 -38.41 -13.41
CA THR D 201 16.97 -38.41 -12.94
C THR D 201 17.73 -39.62 -13.47
N ALA D 202 19.06 -39.48 -13.57
CA ALA D 202 19.92 -40.52 -14.10
C ALA D 202 20.69 -41.28 -13.01
N ASP D 203 20.83 -40.72 -11.80
CA ASP D 203 21.67 -41.31 -10.78
C ASP D 203 20.96 -42.01 -9.64
N ALA D 204 21.69 -42.88 -8.91
CA ALA D 204 21.15 -43.54 -7.72
C ALA D 204 20.74 -42.51 -6.64
N GLY D 205 21.42 -41.37 -6.59
CA GLY D 205 21.09 -40.31 -5.65
C GLY D 205 19.84 -39.50 -5.98
N ASN D 206 19.22 -39.71 -7.16
CA ASN D 206 18.01 -39.00 -7.57
C ASN D 206 18.20 -37.46 -7.51
N SER D 207 19.38 -36.97 -7.91
CA SER D 207 19.70 -35.55 -7.83
C SER D 207 20.30 -34.98 -9.14
N ILE D 208 20.51 -35.83 -10.15
CA ILE D 208 21.05 -35.39 -11.41
C ILE D 208 20.00 -35.65 -12.46
N PHE D 209 19.45 -34.60 -13.03
CA PHE D 209 18.44 -34.71 -14.07
C PHE D 209 19.12 -35.13 -15.35
N THR D 210 18.53 -36.12 -16.02
CA THR D 210 19.04 -36.70 -17.25
C THR D 210 19.15 -35.65 -18.33
N ASN D 211 20.19 -35.79 -19.17
CA ASN D 211 20.37 -34.95 -20.33
C ASN D 211 19.42 -35.48 -21.40
N THR D 212 18.37 -34.72 -21.72
CA THR D 212 17.39 -35.07 -22.73
C THR D 212 17.55 -34.24 -23.99
N ALA D 213 18.71 -33.58 -24.23
CA ALA D 213 18.93 -32.84 -25.48
C ALA D 213 18.79 -33.81 -26.67
N SER D 214 18.04 -33.41 -27.70
CA SER D 214 17.76 -34.28 -28.84
C SER D 214 18.78 -34.19 -29.95
N PHE D 215 19.47 -33.07 -30.08
CA PHE D 215 20.43 -32.92 -31.16
C PHE D 215 21.85 -32.79 -30.66
N SER D 216 22.76 -33.63 -31.23
CA SER D 216 24.19 -33.71 -30.91
C SER D 216 24.49 -33.55 -29.40
N PRO D 217 23.86 -34.36 -28.53
CA PRO D 217 24.09 -34.16 -27.09
C PRO D 217 25.38 -34.75 -26.58
N ALA D 218 25.75 -34.27 -25.39
CA ALA D 218 26.89 -34.73 -24.64
C ALA D 218 26.52 -36.10 -24.06
N GLN D 219 27.51 -36.84 -23.54
CA GLN D 219 27.29 -38.07 -22.81
C GLN D 219 27.99 -37.91 -21.44
N GLY D 220 27.55 -38.67 -20.44
CA GLY D 220 28.19 -38.69 -19.14
C GLY D 220 27.88 -37.52 -18.22
N VAL D 221 26.91 -36.69 -18.57
CA VAL D 221 26.59 -35.51 -17.75
C VAL D 221 25.09 -35.23 -17.70
N GLY D 222 24.66 -34.64 -16.59
CA GLY D 222 23.29 -34.22 -16.38
C GLY D 222 23.26 -32.85 -15.69
N VAL D 223 22.08 -32.43 -15.25
CA VAL D 223 21.93 -31.13 -14.60
C VAL D 223 21.57 -31.34 -13.15
N GLN D 224 22.22 -30.59 -12.26
CA GLN D 224 21.96 -30.72 -10.83
C GLN D 224 21.69 -29.34 -10.27
N LEU D 225 20.60 -29.20 -9.51
CA LEU D 225 20.25 -27.93 -8.89
C LEU D 225 20.80 -27.84 -7.47
N THR D 226 21.31 -26.65 -7.14
CA THR D 226 21.86 -26.40 -5.83
C THR D 226 21.26 -25.12 -5.21
N ARG D 227 21.39 -25.02 -3.91
CA ARG D 227 20.94 -23.85 -3.18
C ARG D 227 22.15 -23.50 -2.31
N GLN D 228 23.02 -22.58 -2.81
CA GLN D 228 24.31 -22.19 -2.19
C GLN D 228 25.23 -23.41 -1.99
N GLY D 229 25.37 -24.20 -3.05
CA GLY D 229 26.22 -25.39 -3.05
C GLY D 229 25.56 -26.64 -2.51
N THR D 230 24.50 -26.50 -1.71
CA THR D 230 23.77 -27.64 -1.15
C THR D 230 22.99 -28.31 -2.31
N ILE D 231 23.00 -29.63 -2.41
CA ILE D 231 22.38 -30.34 -3.52
C ILE D 231 20.92 -30.66 -3.26
N ILE D 232 20.04 -30.29 -4.21
CA ILE D 232 18.60 -30.53 -4.08
C ILE D 232 18.19 -31.75 -4.91
N PRO D 233 17.92 -32.89 -4.26
CA PRO D 233 17.40 -34.04 -5.02
C PRO D 233 15.95 -33.83 -5.44
N ALA D 234 15.49 -34.63 -6.40
CA ALA D 234 14.10 -34.56 -6.85
C ALA D 234 13.19 -35.10 -5.74
N ASN D 235 11.92 -34.66 -5.74
CA ASN D 235 10.90 -35.11 -4.81
C ASN D 235 11.29 -34.93 -3.34
N ASN D 236 11.89 -33.77 -3.02
CA ASN D 236 12.34 -33.50 -1.67
C ASN D 236 12.04 -32.04 -1.35
N THR D 237 11.06 -31.82 -0.50
CA THR D 237 10.61 -30.48 -0.16
C THR D 237 11.68 -29.63 0.47
N VAL D 238 11.86 -28.44 -0.11
CA VAL D 238 12.75 -27.40 0.36
C VAL D 238 11.86 -26.32 0.99
N SER D 239 12.07 -26.02 2.28
CA SER D 239 11.26 -24.98 2.94
C SER D 239 11.81 -23.59 2.65
N LEU D 240 10.94 -22.67 2.32
CA LEU D 240 11.29 -21.26 2.11
C LEU D 240 10.99 -20.39 3.34
N GLY D 241 10.44 -20.99 4.40
CA GLY D 241 10.03 -20.25 5.59
C GLY D 241 8.73 -19.54 5.31
N ALA D 242 8.48 -18.42 6.02
CA ALA D 242 7.27 -17.66 5.82
C ALA D 242 7.45 -16.76 4.61
N VAL D 243 6.58 -16.89 3.60
CA VAL D 243 6.63 -16.08 2.40
C VAL D 243 5.40 -15.17 2.37
N GLY D 244 5.63 -13.87 2.38
CA GLY D 244 4.55 -12.89 2.34
C GLY D 244 4.49 -12.14 1.02
N THR D 245 4.01 -10.89 1.05
CA THR D 245 3.85 -10.06 -0.14
C THR D 245 5.16 -9.68 -0.83
N SER D 246 6.28 -9.66 -0.10
CA SER D 246 7.57 -9.37 -0.71
C SER D 246 8.14 -10.68 -1.31
N ALA D 247 8.57 -10.61 -2.58
CA ALA D 247 9.11 -11.76 -3.31
C ALA D 247 10.31 -12.39 -2.59
N VAL D 248 10.34 -13.71 -2.61
CA VAL D 248 11.39 -14.51 -2.01
C VAL D 248 11.96 -15.38 -3.12
N SER D 249 13.28 -15.29 -3.33
CA SER D 249 13.94 -16.10 -4.33
C SER D 249 13.97 -17.55 -3.87
N LEU D 250 13.80 -18.49 -4.81
CA LEU D 250 13.95 -19.90 -4.47
C LEU D 250 15.44 -20.24 -4.17
N GLY D 251 16.37 -19.37 -4.56
CA GLY D 251 17.79 -19.54 -4.31
C GLY D 251 18.44 -20.64 -5.10
N LEU D 252 17.85 -21.00 -6.23
CA LEU D 252 18.35 -22.08 -7.07
C LEU D 252 19.43 -21.68 -8.04
N THR D 253 20.38 -22.58 -8.23
CA THR D 253 21.49 -22.47 -9.18
C THR D 253 21.54 -23.79 -9.98
N ALA D 254 21.76 -23.69 -11.30
CA ALA D 254 21.90 -24.89 -12.12
C ALA D 254 23.39 -25.18 -12.27
N ASN D 255 23.74 -26.46 -12.39
CA ASN D 255 25.13 -26.93 -12.51
C ASN D 255 25.12 -28.17 -13.40
N TYR D 256 26.28 -28.57 -13.89
CA TYR D 256 26.42 -29.87 -14.55
C TYR D 256 26.85 -30.85 -13.44
N ALA D 257 26.54 -32.14 -13.60
CA ALA D 257 26.99 -33.16 -12.66
C ALA D 257 27.25 -34.45 -13.43
N ARG D 258 28.31 -35.16 -13.09
CA ARG D 258 28.69 -36.37 -13.81
C ARG D 258 27.86 -37.57 -13.45
N THR D 259 27.48 -38.36 -14.45
CA THR D 259 26.71 -39.57 -14.26
C THR D 259 27.52 -40.87 -14.42
N GLY D 260 28.75 -40.77 -14.91
CA GLY D 260 29.64 -41.91 -15.09
C GLY D 260 30.36 -41.87 -16.41
N GLY D 261 31.62 -42.20 -16.39
CA GLY D 261 32.44 -42.20 -17.59
C GLY D 261 32.84 -40.80 -18.03
N GLN D 262 33.48 -40.72 -19.18
CA GLN D 262 33.94 -39.48 -19.73
C GLN D 262 32.78 -38.56 -20.08
N VAL D 263 32.94 -37.27 -19.82
CA VAL D 263 31.95 -36.28 -20.21
C VAL D 263 32.36 -35.88 -21.64
N THR D 264 31.52 -36.20 -22.63
CA THR D 264 31.87 -35.95 -24.03
C THR D 264 31.17 -34.72 -24.59
N ALA D 265 31.72 -34.16 -25.69
CA ALA D 265 31.22 -32.95 -26.34
C ALA D 265 29.77 -33.01 -26.78
N GLY D 266 29.09 -31.87 -26.67
CA GLY D 266 27.72 -31.75 -27.14
C GLY D 266 26.78 -30.96 -26.25
N ASN D 267 25.53 -30.90 -26.68
CA ASN D 267 24.47 -30.20 -26.00
C ASN D 267 23.96 -30.91 -24.76
N VAL D 268 23.55 -30.11 -23.78
CA VAL D 268 22.98 -30.60 -22.56
C VAL D 268 21.64 -29.90 -22.36
N GLN D 269 20.59 -30.65 -22.00
CA GLN D 269 19.32 -30.05 -21.67
C GLN D 269 18.59 -30.88 -20.64
N SER D 270 18.00 -30.22 -19.66
CA SER D 270 17.16 -30.88 -18.67
C SER D 270 15.96 -29.97 -18.41
N ILE D 271 14.76 -30.55 -18.36
CA ILE D 271 13.50 -29.86 -18.09
C ILE D 271 13.08 -30.31 -16.69
N ILE D 272 13.04 -29.38 -15.74
CA ILE D 272 12.76 -29.67 -14.35
C ILE D 272 11.52 -28.91 -13.88
N GLY D 273 10.58 -29.61 -13.27
CA GLY D 273 9.41 -28.98 -12.70
C GLY D 273 9.60 -28.54 -11.26
N VAL D 274 8.88 -27.50 -10.85
CA VAL D 274 8.91 -26.97 -9.48
C VAL D 274 7.46 -26.96 -9.00
N THR D 275 7.19 -27.60 -7.87
CA THR D 275 5.83 -27.64 -7.33
C THR D 275 5.81 -27.07 -5.92
N PHE D 276 4.99 -26.03 -5.67
CA PHE D 276 4.88 -25.43 -4.36
C PHE D 276 3.86 -26.14 -3.48
N VAL D 277 4.20 -26.26 -2.19
N VAL D 277 4.20 -26.26 -2.19
CA VAL D 277 3.37 -26.89 -1.17
CA VAL D 277 3.34 -26.89 -1.17
C VAL D 277 3.35 -26.04 0.09
C VAL D 277 3.34 -26.02 0.09
N TYR D 278 2.21 -25.99 0.80
CA TYR D 278 2.13 -25.28 2.08
C TYR D 278 2.68 -26.30 3.11
N GLN D 279 3.25 -25.84 4.24
CA GLN D 279 3.77 -26.76 5.26
C GLN D 279 2.66 -27.69 5.79
N GLY D 280 2.91 -29.00 5.70
CA GLY D 280 1.92 -29.99 6.09
C GLY D 280 0.83 -30.24 5.06
N GLY D 281 1.00 -29.69 3.86
CA GLY D 281 0.04 -29.82 2.78
C GLY D 281 0.41 -30.89 1.78
N SER D 282 -0.58 -31.39 1.06
CA SER D 282 -0.40 -32.45 0.08
C SER D 282 0.27 -31.95 -1.19
N SER D 283 0.97 -32.87 -1.87
CA SER D 283 1.70 -32.62 -3.10
C SER D 283 0.79 -32.82 -4.33
N GLY D 284 -0.36 -32.14 -4.33
CA GLY D 284 -1.33 -32.22 -5.41
C GLY D 284 -0.95 -31.42 -6.64
N GLY D 285 -1.56 -31.77 -7.78
CA GLY D 285 -1.32 -31.10 -9.04
C GLY D 285 0.07 -31.29 -9.65
N GLY D 286 0.22 -30.81 -10.88
CA GLY D 286 1.48 -30.90 -11.60
C GLY D 286 2.45 -29.79 -11.25
N ALA D 287 3.46 -29.59 -12.09
CA ALA D 287 4.46 -28.55 -11.84
C ALA D 287 3.86 -27.16 -11.98
N ASP D 288 4.27 -26.25 -11.11
CA ASP D 288 3.85 -24.85 -11.13
C ASP D 288 4.74 -24.06 -12.10
N VAL D 289 6.05 -24.34 -12.06
CA VAL D 289 7.05 -23.70 -12.91
C VAL D 289 7.86 -24.77 -13.64
N THR D 290 8.22 -24.50 -14.89
CA THR D 290 9.08 -25.40 -15.64
C THR D 290 10.39 -24.68 -15.88
N ILE D 291 11.50 -25.27 -15.46
CA ILE D 291 12.82 -24.74 -15.67
C ILE D 291 13.52 -25.55 -16.76
N THR D 292 13.98 -24.86 -17.80
CA THR D 292 14.72 -25.50 -18.87
C THR D 292 16.14 -25.07 -18.69
N VAL D 293 17.05 -26.04 -18.47
CA VAL D 293 18.45 -25.72 -18.32
C VAL D 293 19.18 -26.19 -19.56
N ASN D 294 19.85 -25.28 -20.25
CA ASN D 294 20.63 -25.60 -21.43
C ASN D 294 22.09 -25.45 -21.09
N GLY D 295 22.91 -26.31 -21.66
CA GLY D 295 24.34 -26.27 -21.46
C GLY D 295 25.06 -26.90 -22.63
N LYS D 296 26.39 -26.90 -22.57
CA LYS D 296 27.19 -27.44 -23.65
C LYS D 296 28.55 -27.87 -23.16
N VAL D 297 28.99 -29.04 -23.60
CA VAL D 297 30.32 -29.53 -23.31
C VAL D 297 31.12 -29.28 -24.60
N VAL D 298 32.21 -28.51 -24.53
CA VAL D 298 33.00 -28.23 -25.72
C VAL D 298 34.28 -29.06 -25.72
N ALA D 299 34.55 -29.72 -26.85
CA ALA D 299 35.73 -30.57 -26.99
C ALA D 299 37.00 -29.76 -27.01
N LYS D 300 38.04 -30.26 -26.33
CA LYS D 300 39.34 -29.59 -26.30
C LYS D 300 40.19 -29.99 -27.54
#